data_9S41
#
_entry.id   9S41
#
_cell.length_a   1.00
_cell.length_b   1.00
_cell.length_c   1.00
_cell.angle_alpha   90.00
_cell.angle_beta   90.00
_cell.angle_gamma   90.00
#
_symmetry.space_group_name_H-M   'P 1'
#
loop_
_entity.id
_entity.type
_entity.pdbx_description
1 polymer 'Glutamate receptor 1'
2 polymer 'Glutamate receptor 4'
3 polymer 'Voltage-dependent calcium channel gamma-7 subunit'
#
loop_
_entity_poly.entity_id
_entity_poly.type
_entity_poly.pdbx_seq_one_letter_code
_entity_poly.pdbx_strand_id
1 'polypeptide(L)'
;ANFPNNIQIGGLFPNQQSQEHAAFRFALSQLTEPPKLLPQIDIVNISDSFEMTYRFCSQFSKGVYAIFGFYERRTVNMLT
SFCGALHVCFITPSFPVDTSNQFVLQLRPELQDALISIIDHYKWQKFVYIYDADRGLSVLQKVLDTAAEKNWQVTAVNIL
TTTEEGYRMLFQDLEKKKERLVVVDCESERLNAILGQIIKLEKNGIGYHYILANLGFMDIDLNKFKESGANVTGFQLVNY
TDTIPAKIMQQWKTSDARDHTRVDWKRPKYTSALTYDGVKVMAEAFQSLRRQRIDISRRGNAGDCLANPAVPWGQGIDIQ
RALQQVRFEGLTGNVQFNEKGRRTNYTLHVIEMKHDGIRKIGYWNEDDKFVPAATDAQAGGDNSSVQNRTYIVTTILEDP
YVMLKKNANQFEGNDRYEGYCVELAAEIAKHVGYSYRLEIVSDGKYGARDPDTKAWNGMVGELVYGRADVAVAPLTITLV
REEVIDFSKPFMSLGISIMIKKPQKSKPGVFSFLDPLAYEIWMCIVFAYIGVSVVLFLVSRFSPYEWHSEEFEEGRDQTT
SDQSNEFGIFNSLWFSLGAFMQQGCDISPRSLSGRIVGGVWWFFTLIIISSYTANLAAFLTVERMVSPIESAEDLAKQTE
IAYGTLEAGSTKEFFRRSKIAVFEKMWTYMKSAEPSVFVRTTEEGMIRVRKSKGKYAYLLESTMNEYIEQRKPCDTMKVG
GNLDSKGYGIATPKGSALRGPVNLAVLKLSEQGVLDKLKSKWWYDKGECGSKDSGSKDKTSALSLSNVAGVFYILIGGLG
LAMLVALIEFCYKSRSESKRMKGFCLIPQQSINEAIRTSTLPRNSGAGASGGGSGENGRVVSHDFPKSMQSIPCMSHSTG
MPLGATGL
;
A,C
2 'polypeptide(L)'
;AFPSSVQIGGLFIRNTDQEYTAFRLAIFLHNTSPNASEAPFNLVPHVDNIETANSFAVTNAFCSQYSRGVFAIFGLYDKR
SVHTLTSFCSALHISLITPSFPTEGESQFVLQLRPSLRGALLSLLDHYEWNCFVFLYDTDRGYSILQAIMEKAGQNGWHV
SAICVENFNDVSYRQLLEELDRRQEKKFVIDCEIERLQNILEQIVSVGKHVKGYHYIIANLGFKDISLERFIHGGANVTG
FQLVDFNTPMVTKLMDRWKKLDQREYPGSETPPKYTSALTYDGVLVMAETFRNLRRQKIDISRRGNAGDCLANPAAPWGQ
GIDMERTLKQVQIQGLTGNVQFDHYGRRVNYTMDVFELKSTGPRKVGYWNDMDKLVLIQDVPTLGNDTAAIENRTVVVTT
IMESPYVMYKKNHEMFEGNDKYEGYCVDLASEIAKHIGIKYKIAIVPDGKYGARDADTKIWNGMVGELVYGKAEIAIAPL
TITLVREEVIDFSKPFMSLGISIMIKKPQKSKPGVFSFLDPLAYEIWMCIVFAYIGVSVVLFLVSRFSPYEWHTEEPEDG
KEGPSDQPPNEFGIFNSLWFSLGAFMQQGCDISPRSLSGRIVGGVWWFFTLIIISSYTANLAAFLTVERMVSPIESAEDL
AKQTEIAYGTLDSGSTKEFFRRSKIAVYEKMWTYMRSAEPSVFTRTTAEGVARVRKSKGKFAFLLESTMNEYIEQRKPCD
TMKVGGNLDSKGYGVATPKGSSLRTPVNLAVLKLSEAGVLDKLKNKWWYDKGECGPKDSGSKDKTSALSLSNVAGVFYIL
VGGLGLAMLVALIEFCYKSRAEAKRMKVAKSAQTFNPTSSQNTQNLATYREGYNVYGTESIKI
;
B,D
3 'polypeptide(L)'
;MSHCSSRALTLLSSVFGACGLLLVGIAVSTDYWLYMEEGTVLPQNQTTEVKMALHAGLWRVCFFAGREKGRCVASEYFLE
PEINLVTENTENILKTVRTATPFPMVSLFLVFTAFVISNIGHIRPQRTILAFVSGIFFILSGLSLVVGLVLYISSINDEV
MNRPSSSEQYFHYRYGWSFAFAASSFLLKEGAGVMSVYLFTKRYAEEEMYRPHPAFYRPRLSDCSDYSGQFLQPEAWRRG
RSPSDISSDVSIQMTQNYPPAIKYPDHLHISTSPC
;
I,J
#
# COMPACT_ATOMS: atom_id res chain seq x y z
N GLN A 504 36.27 -4.61 -13.67
CA GLN A 504 35.47 -5.03 -12.52
C GLN A 504 34.14 -5.62 -12.97
N LYS A 505 33.74 -6.72 -12.32
CA LYS A 505 32.47 -7.37 -12.62
C LYS A 505 31.86 -7.90 -11.33
N SER A 506 30.54 -7.97 -11.31
CA SER A 506 29.82 -8.45 -10.13
C SER A 506 28.48 -9.01 -10.57
N LYS A 507 27.91 -9.87 -9.71
CA LYS A 507 26.61 -10.46 -9.95
C LYS A 507 25.89 -10.57 -8.60
N PRO A 508 24.68 -10.03 -8.49
CA PRO A 508 23.95 -10.13 -7.21
C PRO A 508 23.69 -11.58 -6.85
N GLY A 509 23.81 -11.88 -5.55
CA GLY A 509 23.61 -13.22 -5.05
C GLY A 509 22.17 -13.48 -4.64
N VAL A 510 21.92 -14.71 -4.20
CA VAL A 510 20.60 -15.07 -3.71
C VAL A 510 20.35 -14.36 -2.38
N PHE A 511 19.07 -14.06 -2.12
CA PHE A 511 18.65 -13.32 -0.93
C PHE A 511 19.34 -11.97 -0.83
N SER A 512 19.60 -11.34 -1.98
CA SER A 512 20.14 -9.99 -2.00
C SER A 512 19.08 -8.93 -1.69
N PHE A 513 17.80 -9.31 -1.73
CA PHE A 513 16.72 -8.40 -1.42
C PHE A 513 16.62 -8.08 0.07
N LEU A 514 17.37 -8.79 0.92
CA LEU A 514 17.44 -8.49 2.34
C LEU A 514 18.45 -7.39 2.67
N ASP A 515 19.18 -6.89 1.67
CA ASP A 515 20.16 -5.84 1.94
C ASP A 515 19.56 -4.56 2.52
N PRO A 516 18.40 -4.05 2.08
CA PRO A 516 17.92 -2.76 2.60
C PRO A 516 17.72 -2.72 4.12
N LEU A 517 17.47 -3.86 4.76
CA LEU A 517 17.34 -3.90 6.21
C LEU A 517 18.36 -4.87 6.78
N ALA A 518 19.03 -4.44 7.85
CA ALA A 518 20.02 -5.30 8.50
C ALA A 518 19.34 -6.57 9.03
N TYR A 519 20.13 -7.64 9.11
CA TYR A 519 19.58 -8.91 9.55
C TYR A 519 19.06 -8.84 10.98
N GLU A 520 19.63 -7.94 11.80
CA GLU A 520 19.07 -7.71 13.12
C GLU A 520 17.64 -7.20 13.03
N ILE A 521 17.37 -6.30 12.08
CA ILE A 521 16.03 -5.78 11.90
C ILE A 521 15.08 -6.90 11.48
N TRP A 522 15.52 -7.78 10.57
CA TRP A 522 14.66 -8.89 10.16
C TRP A 522 14.36 -9.83 11.33
N MET A 523 15.38 -10.16 12.12
CA MET A 523 15.17 -11.02 13.27
C MET A 523 14.21 -10.40 14.27
N CYS A 524 14.39 -9.10 14.54
CA CYS A 524 13.50 -8.40 15.44
C CYS A 524 12.08 -8.28 14.88
N ILE A 525 11.95 -8.19 13.55
CA ILE A 525 10.62 -8.19 12.94
C ILE A 525 9.94 -9.54 13.16
N VAL A 526 10.69 -10.63 13.02
CA VAL A 526 10.11 -11.95 13.25
C VAL A 526 9.67 -12.08 14.71
N PHE A 527 10.53 -11.68 15.64
CA PHE A 527 10.15 -11.74 17.06
C PHE A 527 8.95 -10.84 17.36
N ALA A 528 8.91 -9.64 16.77
CA ALA A 528 7.80 -8.74 16.99
C ALA A 528 6.50 -9.31 16.42
N TYR A 529 6.57 -9.94 15.25
CA TYR A 529 5.40 -10.62 14.69
C TYR A 529 4.86 -11.66 15.65
N ILE A 530 5.73 -12.55 16.13
CA ILE A 530 5.28 -13.63 17.00
C ILE A 530 4.74 -13.06 18.30
N GLY A 531 5.42 -12.05 18.85
CA GLY A 531 4.96 -11.45 20.09
C GLY A 531 3.61 -10.77 19.95
N VAL A 532 3.42 -10.00 18.89
CA VAL A 532 2.16 -9.31 18.68
C VAL A 532 1.03 -10.31 18.48
N SER A 533 1.29 -11.37 17.70
CA SER A 533 0.25 -12.38 17.50
C SER A 533 -0.12 -13.06 18.81
N VAL A 534 0.88 -13.40 19.63
CA VAL A 534 0.59 -14.10 20.89
C VAL A 534 -0.15 -13.18 21.86
N VAL A 535 0.27 -11.91 21.94
CA VAL A 535 -0.41 -10.98 22.84
C VAL A 535 -1.84 -10.74 22.38
N LEU A 536 -2.06 -10.62 21.07
CA LEU A 536 -3.42 -10.44 20.57
C LEU A 536 -4.28 -11.66 20.87
N PHE A 537 -3.71 -12.86 20.74
CA PHE A 537 -4.43 -14.05 21.16
C PHE A 537 -4.77 -14.00 22.65
N LEU A 538 -3.81 -13.57 23.47
CA LEU A 538 -4.01 -13.56 24.91
C LEU A 538 -5.12 -12.59 25.32
N VAL A 539 -5.11 -11.37 24.77
CA VAL A 539 -6.10 -10.38 25.14
C VAL A 539 -7.47 -10.66 24.55
N SER A 540 -7.58 -11.61 23.62
CA SER A 540 -8.86 -11.96 23.02
C SER A 540 -9.35 -13.33 23.44
N ARG A 541 -8.70 -13.97 24.41
CA ARG A 541 -9.12 -15.27 24.91
C ARG A 541 -9.60 -15.24 26.34
N PHE A 542 -8.78 -14.72 27.27
CA PHE A 542 -9.22 -14.64 28.66
C PHE A 542 -10.30 -13.60 28.85
N SER A 543 -10.42 -12.64 27.93
CA SER A 543 -11.48 -11.65 27.96
C SER A 543 -12.06 -11.52 26.56
N PRO A 544 -13.40 -11.45 26.43
CA PRO A 544 -14.05 -11.33 25.12
C PRO A 544 -13.89 -9.95 24.51
N ASN A 565 -14.17 -15.11 20.86
CA ASN A 565 -14.06 -14.48 19.55
C ASN A 565 -13.36 -15.40 18.56
N GLU A 566 -13.14 -14.90 17.34
CA GLU A 566 -12.49 -15.68 16.30
C GLU A 566 -10.97 -15.65 16.39
N PHE A 567 -10.41 -14.87 17.31
CA PHE A 567 -8.95 -14.72 17.41
C PHE A 567 -8.38 -15.81 18.31
N GLY A 568 -8.18 -16.98 17.72
CA GLY A 568 -7.34 -18.00 18.32
C GLY A 568 -5.88 -17.67 18.11
N ILE A 569 -5.02 -18.61 18.51
CA ILE A 569 -3.59 -18.40 18.32
C ILE A 569 -3.25 -18.42 16.83
N PHE A 570 -3.79 -19.39 16.09
CA PHE A 570 -3.51 -19.49 14.67
C PHE A 570 -4.17 -18.36 13.89
N ASN A 571 -5.41 -18.02 14.24
CA ASN A 571 -6.09 -16.92 13.56
C ASN A 571 -5.43 -15.58 13.88
N SER A 572 -4.93 -15.40 15.11
CA SER A 572 -4.20 -14.18 15.42
C SER A 572 -2.87 -14.11 14.67
N LEU A 573 -2.18 -15.24 14.55
CA LEU A 573 -0.98 -15.27 13.71
C LEU A 573 -1.29 -14.88 12.28
N TRP A 574 -2.39 -15.42 11.73
CA TRP A 574 -2.77 -15.09 10.36
C TRP A 574 -3.14 -13.62 10.23
N PHE A 575 -3.86 -13.07 11.21
CA PHE A 575 -4.22 -11.65 11.16
C PHE A 575 -2.98 -10.77 11.20
N SER A 576 -2.02 -11.11 12.07
CA SER A 576 -0.79 -10.31 12.15
C SER A 576 0.01 -10.41 10.86
N LEU A 577 0.07 -11.60 10.27
CA LEU A 577 0.78 -11.76 9.00
C LEU A 577 0.11 -10.95 7.89
N GLY A 578 -1.22 -10.97 7.84
CA GLY A 578 -1.92 -10.17 6.85
C GLY A 578 -1.75 -8.68 7.05
N ALA A 579 -1.75 -8.24 8.32
CA ALA A 579 -1.55 -6.83 8.61
C ALA A 579 -0.15 -6.36 8.23
N PHE A 580 0.86 -7.20 8.48
CA PHE A 580 2.22 -6.81 8.15
C PHE A 580 2.44 -6.70 6.64
N MET A 581 1.76 -7.54 5.86
CA MET A 581 1.93 -7.54 4.40
C MET A 581 1.07 -6.49 3.71
N GLN A 582 0.39 -5.63 4.46
CA GLN A 582 -0.48 -4.58 3.90
C GLN A 582 -1.59 -5.18 3.03
N GLN A 583 -2.02 -6.40 3.35
CA GLN A 583 -2.98 -7.12 2.54
C GLN A 583 -4.35 -7.21 3.22
N GLY A 584 -4.56 -6.49 4.31
CA GLY A 584 -5.83 -6.54 5.00
C GLY A 584 -6.01 -7.83 5.77
N CYS A 585 -7.27 -8.06 6.17
CA CYS A 585 -7.62 -9.24 6.94
C CYS A 585 -9.11 -9.49 6.79
N ASP A 586 -9.51 -10.74 7.05
CA ASP A 586 -10.93 -11.09 7.01
C ASP A 586 -11.66 -10.68 8.27
N ILE A 587 -10.98 -10.54 9.40
CA ILE A 587 -11.61 -10.21 10.67
C ILE A 587 -10.75 -9.17 11.38
N SER A 588 -11.40 -8.14 11.92
CA SER A 588 -10.74 -7.08 12.67
C SER A 588 -11.08 -7.19 14.16
N PRO A 589 -10.16 -6.81 15.04
CA PRO A 589 -10.43 -6.91 16.48
C PRO A 589 -11.58 -6.01 16.90
N ARG A 590 -12.31 -6.44 17.92
CA ARG A 590 -13.41 -5.69 18.50
C ARG A 590 -13.11 -5.11 19.87
N SER A 591 -12.43 -5.87 20.72
CA SER A 591 -12.13 -5.41 22.07
C SER A 591 -11.14 -4.23 22.02
N LEU A 592 -11.16 -3.43 23.09
CA LEU A 592 -10.31 -2.25 23.14
C LEU A 592 -8.83 -2.64 23.14
N SER A 593 -8.46 -3.64 23.94
CA SER A 593 -7.06 -4.08 23.97
C SER A 593 -6.63 -4.66 22.64
N GLY A 594 -7.50 -5.47 22.02
CA GLY A 594 -7.17 -6.00 20.70
C GLY A 594 -7.01 -4.92 19.67
N ARG A 595 -7.84 -3.88 19.74
CA ARG A 595 -7.71 -2.77 18.80
C ARG A 595 -6.46 -1.94 19.06
N ILE A 596 -6.05 -1.80 20.31
CA ILE A 596 -4.77 -1.12 20.60
C ILE A 596 -3.61 -1.92 20.01
N VAL A 597 -3.65 -3.24 20.18
CA VAL A 597 -2.61 -4.09 19.59
C VAL A 597 -2.61 -3.96 18.08
N GLY A 598 -3.79 -3.98 17.46
CA GLY A 598 -3.87 -3.83 16.02
C GLY A 598 -3.34 -2.50 15.54
N GLY A 599 -3.66 -1.42 16.26
CA GLY A 599 -3.17 -0.11 15.87
C GLY A 599 -1.66 0.02 15.97
N VAL A 600 -1.07 -0.47 17.06
CA VAL A 600 0.37 -0.37 17.21
C VAL A 600 1.06 -1.27 16.17
N TRP A 601 0.48 -2.43 15.88
CA TRP A 601 1.06 -3.30 14.85
C TRP A 601 0.98 -2.66 13.47
N TRP A 602 -0.15 -2.00 13.16
CA TRP A 602 -0.28 -1.31 11.89
C TRP A 602 0.73 -0.17 11.76
N PHE A 603 0.92 0.60 12.85
CA PHE A 603 1.91 1.66 12.81
C PHE A 603 3.31 1.10 12.58
N PHE A 604 3.65 0.02 13.29
CA PHE A 604 4.96 -0.59 13.14
C PHE A 604 5.18 -1.08 11.72
N THR A 605 4.20 -1.77 11.15
CA THR A 605 4.39 -2.31 9.81
C THR A 605 4.41 -1.20 8.76
N LEU A 606 3.64 -0.13 8.96
CA LEU A 606 3.72 1.01 8.04
C LEU A 606 5.11 1.62 8.05
N ILE A 607 5.67 1.83 9.24
CA ILE A 607 7.01 2.41 9.33
C ILE A 607 8.03 1.48 8.69
N ILE A 608 7.92 0.18 8.95
CA ILE A 608 8.91 -0.77 8.43
C ILE A 608 8.85 -0.83 6.91
N ILE A 609 7.65 -0.89 6.34
CA ILE A 609 7.52 -0.95 4.88
C ILE A 609 8.02 0.35 4.25
N SER A 610 7.69 1.50 4.85
CA SER A 610 8.19 2.76 4.32
C SER A 610 9.70 2.82 4.36
N SER A 611 10.30 2.38 5.46
CA SER A 611 11.76 2.38 5.57
C SER A 611 12.39 1.45 4.54
N TYR A 612 11.81 0.26 4.36
CA TYR A 612 12.35 -0.67 3.37
C TYR A 612 12.31 -0.08 1.97
N THR A 613 11.15 0.47 1.58
CA THR A 613 11.03 1.03 0.23
C THR A 613 11.98 2.20 0.05
N ALA A 614 12.07 3.09 1.04
CA ALA A 614 12.94 4.26 0.91
C ALA A 614 14.40 3.85 0.81
N ASN A 615 14.84 2.89 1.62
CA ASN A 615 16.24 2.51 1.59
C ASN A 615 16.59 1.71 0.35
N LEU A 616 15.65 0.90 -0.17
CA LEU A 616 15.90 0.24 -1.44
C LEU A 616 16.01 1.24 -2.58
N ALA A 617 15.14 2.26 -2.56
CA ALA A 617 15.27 3.34 -3.54
C ALA A 617 16.60 4.05 -3.42
N ALA A 618 17.06 4.28 -2.19
CA ALA A 618 18.36 4.90 -1.99
C ALA A 618 19.49 4.03 -2.54
N PHE A 619 19.43 2.72 -2.28
CA PHE A 619 20.43 1.80 -2.81
C PHE A 619 20.48 1.86 -4.33
N LEU A 620 19.32 1.77 -4.98
CA LEU A 620 19.29 1.77 -6.44
C LEU A 620 19.75 3.10 -7.01
N THR A 621 19.34 4.21 -6.38
CA THR A 621 19.76 5.53 -6.86
C THR A 621 21.26 5.71 -6.74
N VAL A 622 21.84 5.30 -5.61
CA VAL A 622 23.29 5.42 -5.44
C VAL A 622 24.02 4.51 -6.42
N GLU A 623 23.50 3.30 -6.65
CA GLU A 623 24.12 2.39 -7.59
C GLU A 623 24.11 2.94 -9.01
N ARG A 624 22.99 3.56 -9.41
CA ARG A 624 22.90 4.13 -10.74
C ARG A 624 23.64 5.46 -10.87
N MET A 625 23.91 6.14 -9.75
CA MET A 625 24.55 7.45 -9.81
C MET A 625 26.04 7.34 -10.12
N VAL A 626 26.70 6.27 -9.68
CA VAL A 626 28.13 6.09 -9.89
C VAL A 626 28.44 5.87 -11.36
N SER A 781 19.04 -0.36 -17.49
CA SER A 781 19.46 -0.57 -16.11
C SER A 781 18.33 -1.13 -15.25
N ALA A 782 17.39 -1.83 -15.85
CA ALA A 782 16.29 -2.43 -15.10
C ALA A 782 16.80 -3.55 -14.21
N LEU A 783 16.05 -3.81 -13.14
CA LEU A 783 16.40 -4.91 -12.25
C LEU A 783 16.35 -6.23 -13.01
N SER A 784 17.37 -7.06 -12.79
CA SER A 784 17.45 -8.35 -13.45
C SER A 784 16.80 -9.44 -12.59
N LEU A 785 16.66 -10.62 -13.18
CA LEU A 785 16.08 -11.74 -12.45
C LEU A 785 16.95 -12.18 -11.29
N SER A 786 18.26 -11.91 -11.36
CA SER A 786 19.17 -12.32 -10.28
C SER A 786 18.91 -11.56 -8.98
N ASN A 787 18.33 -10.37 -9.05
CA ASN A 787 18.06 -9.59 -7.85
C ASN A 787 16.88 -10.12 -7.04
N VAL A 788 15.94 -10.81 -7.67
CA VAL A 788 14.76 -11.33 -7.00
C VAL A 788 14.70 -12.84 -7.17
N ALA A 789 15.82 -13.45 -7.58
CA ALA A 789 15.91 -14.89 -7.61
C ALA A 789 15.69 -15.49 -6.23
N GLY A 790 16.12 -14.79 -5.18
CA GLY A 790 15.84 -15.25 -3.83
C GLY A 790 14.35 -15.28 -3.53
N VAL A 791 13.63 -14.25 -3.98
CA VAL A 791 12.18 -14.20 -3.75
C VAL A 791 11.50 -15.34 -4.50
N PHE A 792 11.90 -15.59 -5.75
CA PHE A 792 11.32 -16.70 -6.49
C PHE A 792 11.64 -18.06 -5.86
N TYR A 793 12.88 -18.23 -5.37
CA TYR A 793 13.22 -19.47 -4.68
C TYR A 793 12.40 -19.64 -3.42
N ILE A 794 12.20 -18.56 -2.67
CA ILE A 794 11.36 -18.62 -1.47
C ILE A 794 9.93 -19.01 -1.85
N LEU A 795 9.41 -18.45 -2.93
CA LEU A 795 8.06 -18.80 -3.38
C LEU A 795 7.95 -20.27 -3.74
N ILE A 796 8.93 -20.79 -4.48
CA ILE A 796 8.90 -22.20 -4.88
C ILE A 796 8.98 -23.09 -3.65
N GLY A 797 9.88 -22.78 -2.72
CA GLY A 797 9.97 -23.57 -1.50
C GLY A 797 8.70 -23.51 -0.67
N GLY A 798 8.07 -22.35 -0.61
CA GLY A 798 6.81 -22.24 0.11
C GLY A 798 5.70 -23.06 -0.51
N LEU A 799 5.61 -23.06 -1.84
CA LEU A 799 4.61 -23.89 -2.51
C LEU A 799 4.88 -25.37 -2.26
N GLY A 800 6.15 -25.78 -2.32
CA GLY A 800 6.47 -27.17 -2.05
C GLY A 800 6.13 -27.59 -0.63
N LEU A 801 6.48 -26.75 0.34
CA LEU A 801 6.17 -27.04 1.74
C LEU A 801 4.65 -27.06 1.96
N ALA A 802 3.92 -26.18 1.28
CA ALA A 802 2.48 -26.16 1.42
C ALA A 802 1.85 -27.43 0.86
N MET A 803 2.33 -27.89 -0.29
CA MET A 803 1.83 -29.16 -0.83
C MET A 803 2.15 -30.32 0.10
N LEU A 804 3.36 -30.33 0.67
CA LEU A 804 3.75 -31.40 1.59
C LEU A 804 2.86 -31.40 2.84
N VAL A 805 2.63 -30.22 3.41
CA VAL A 805 1.80 -30.16 4.62
C VAL A 805 0.34 -30.46 4.28
N ALA A 806 -0.10 -30.12 3.07
CA ALA A 806 -1.45 -30.49 2.66
C ALA A 806 -1.59 -32.01 2.56
N LEU A 807 -0.56 -32.68 2.03
CA LEU A 807 -0.59 -34.14 2.00
C LEU A 807 -0.61 -34.72 3.41
N ILE A 808 0.20 -34.17 4.31
CA ILE A 808 0.22 -34.65 5.68
C ILE A 808 -1.15 -34.47 6.34
N GLU A 809 -1.77 -33.31 6.14
CA GLU A 809 -3.11 -33.09 6.67
C GLU A 809 -4.12 -34.03 6.05
N PHE A 810 -3.98 -34.34 4.76
CA PHE A 810 -4.88 -35.29 4.11
C PHE A 810 -4.79 -36.65 4.79
N CYS A 811 -3.57 -37.13 5.05
CA CYS A 811 -3.44 -38.41 5.73
C CYS A 811 -3.98 -38.34 7.16
N TYR A 812 -3.71 -37.24 7.87
CA TYR A 812 -4.05 -37.20 9.29
C TYR A 812 -5.55 -37.04 9.53
N LYS A 813 -6.20 -36.15 8.77
CA LYS A 813 -7.59 -35.81 9.04
C LYS A 813 -8.52 -36.99 8.77
N SER A 814 -8.23 -37.77 7.72
CA SER A 814 -9.08 -38.92 7.39
C SER A 814 -9.07 -39.94 8.52
N ARG A 815 -7.91 -40.20 9.11
CA ARG A 815 -7.80 -41.13 10.22
C ARG A 815 -8.31 -40.50 11.51
N GLN B 509 29.88 15.09 11.74
CA GLN B 509 29.87 13.69 11.33
C GLN B 509 28.45 13.14 11.30
N LYS B 510 28.32 11.86 10.99
CA LYS B 510 27.02 11.19 10.96
C LYS B 510 26.48 11.13 12.38
N SER B 511 25.45 11.93 12.66
CA SER B 511 24.92 12.03 14.01
C SER B 511 24.23 10.74 14.43
N LYS B 512 24.21 10.49 15.73
CA LYS B 512 23.56 9.29 16.25
C LYS B 512 22.05 9.40 16.07
N PRO B 513 21.40 8.42 15.44
CA PRO B 513 19.94 8.47 15.32
C PRO B 513 19.27 8.40 16.68
N GLY B 514 18.24 9.22 16.87
CA GLY B 514 17.53 9.26 18.12
C GLY B 514 16.51 8.14 18.26
N VAL B 515 15.84 8.12 19.41
CA VAL B 515 14.80 7.14 19.65
C VAL B 515 13.64 7.35 18.69
N PHE B 516 13.23 8.60 18.51
CA PHE B 516 12.13 8.96 17.61
C PHE B 516 12.63 9.47 16.27
N SER B 517 13.73 8.90 15.77
CA SER B 517 14.28 9.32 14.49
C SER B 517 13.34 9.04 13.33
N PHE B 518 12.34 8.18 13.51
CA PHE B 518 11.40 7.90 12.45
C PHE B 518 10.41 9.04 12.21
N LEU B 519 10.39 10.04 13.09
CA LEU B 519 9.58 11.24 12.88
C LEU B 519 10.31 12.30 12.06
N ASP B 520 11.56 12.05 11.68
CA ASP B 520 12.29 13.02 10.86
C ASP B 520 11.65 13.37 9.53
N PRO B 521 11.11 12.42 8.75
CA PRO B 521 10.61 12.80 7.40
C PRO B 521 9.53 13.87 7.41
N LEU B 522 8.68 13.91 8.43
CA LEU B 522 7.60 14.90 8.50
C LEU B 522 7.81 15.82 9.69
N ALA B 523 7.50 17.09 9.51
CA ALA B 523 7.65 18.06 10.59
C ALA B 523 6.67 17.77 11.72
N TYR B 524 7.06 18.19 12.93
CA TYR B 524 6.21 17.96 14.10
C TYR B 524 4.87 18.66 13.98
N GLU B 525 4.85 19.84 13.34
CA GLU B 525 3.58 20.51 13.09
C GLU B 525 2.68 19.67 12.20
N ILE B 526 3.26 18.99 11.21
CA ILE B 526 2.48 18.12 10.35
C ILE B 526 1.91 16.96 11.15
N TRP B 527 2.70 16.39 12.06
CA TRP B 527 2.19 15.30 12.90
C TRP B 527 1.05 15.76 13.79
N MET B 528 1.18 16.94 14.40
CA MET B 528 0.11 17.48 15.23
C MET B 528 -1.15 17.73 14.41
N CYS B 529 -0.99 18.30 13.20
CA CYS B 529 -2.13 18.51 12.33
C CYS B 529 -2.77 17.20 11.91
N ILE B 530 -1.96 16.16 11.71
CA ILE B 530 -2.50 14.85 11.38
C ILE B 530 -3.33 14.30 12.54
N VAL B 531 -2.85 14.46 13.76
CA VAL B 531 -3.59 13.96 14.93
C VAL B 531 -4.92 14.70 15.04
N PHE B 532 -4.90 16.03 14.93
CA PHE B 532 -6.15 16.78 15.01
C PHE B 532 -7.07 16.49 13.84
N ALA B 533 -6.53 16.24 12.64
CA ALA B 533 -7.36 15.87 11.52
C ALA B 533 -8.02 14.52 11.73
N TYR B 534 -7.28 13.56 12.30
CA TYR B 534 -7.86 12.27 12.64
C TYR B 534 -9.01 12.43 13.61
N ILE B 535 -8.81 13.22 14.67
CA ILE B 535 -9.86 13.43 15.66
C ILE B 535 -11.07 14.09 15.03
N GLY B 536 -10.83 15.12 14.20
CA GLY B 536 -11.93 15.82 13.57
C GLY B 536 -12.70 14.95 12.59
N VAL B 537 -11.99 14.14 11.81
CA VAL B 537 -12.66 13.26 10.86
C VAL B 537 -13.52 12.24 11.62
N SER B 538 -12.99 11.68 12.71
CA SER B 538 -13.78 10.75 13.50
C SER B 538 -15.03 11.42 14.06
N VAL B 539 -14.88 12.64 14.59
CA VAL B 539 -16.03 13.34 15.17
C VAL B 539 -17.08 13.65 14.10
N VAL B 540 -16.63 14.12 12.94
CA VAL B 540 -17.56 14.45 11.86
C VAL B 540 -18.28 13.20 11.37
N LEU B 541 -17.55 12.09 11.21
CA LEU B 541 -18.18 10.86 10.78
C LEU B 541 -19.21 10.37 11.79
N PHE B 542 -18.88 10.45 13.08
CA PHE B 542 -19.83 10.04 14.11
C PHE B 542 -21.09 10.90 14.08
N LEU B 543 -20.92 12.22 13.97
CA LEU B 543 -22.07 13.12 13.95
C LEU B 543 -22.93 12.86 12.72
N VAL B 544 -22.31 12.68 11.55
CA VAL B 544 -23.06 12.43 10.33
C VAL B 544 -23.81 11.11 10.43
N SER B 545 -23.16 10.06 10.95
CA SER B 545 -23.83 8.77 11.08
C SER B 545 -25.00 8.83 12.05
N ARG B 546 -24.82 9.52 13.18
CA ARG B 546 -25.89 9.56 14.17
C ARG B 546 -27.07 10.41 13.71
N PHE B 547 -26.79 11.62 13.22
CA PHE B 547 -27.88 12.54 12.87
C PHE B 547 -28.55 12.16 11.55
N SER B 548 -27.78 11.61 10.60
CA SER B 548 -28.31 11.22 9.30
C SER B 548 -27.90 9.78 9.02
N PRO B 549 -28.61 8.81 9.62
CA PRO B 549 -28.31 7.39 9.43
C PRO B 549 -28.65 6.89 8.03
N ASN B 570 -26.64 2.09 16.15
CA ASN B 570 -25.88 2.67 15.03
C ASN B 570 -24.53 1.98 14.89
N GLU B 571 -24.21 1.56 13.67
CA GLU B 571 -22.97 0.83 13.44
C GLU B 571 -21.74 1.71 13.68
N PHE B 572 -21.84 2.98 13.31
CA PHE B 572 -20.71 3.91 13.44
C PHE B 572 -20.88 4.73 14.72
N GLY B 573 -20.47 4.12 15.84
CA GLY B 573 -20.33 4.84 17.08
C GLY B 573 -19.03 5.62 17.10
N ILE B 574 -18.78 6.30 18.23
CA ILE B 574 -17.56 7.09 18.35
C ILE B 574 -16.33 6.20 18.30
N PHE B 575 -16.36 5.08 19.03
CA PHE B 575 -15.22 4.17 19.05
C PHE B 575 -15.04 3.48 17.70
N ASN B 576 -16.14 3.08 17.08
CA ASN B 576 -16.06 2.43 15.76
C ASN B 576 -15.58 3.42 14.70
N SER B 577 -16.00 4.68 14.79
CA SER B 577 -15.50 5.69 13.85
C SER B 577 -14.02 5.95 14.07
N LEU B 578 -13.57 5.99 15.32
CA LEU B 578 -12.14 6.11 15.59
C LEU B 578 -11.36 4.94 14.99
N TRP B 579 -11.89 3.73 15.16
CA TRP B 579 -11.26 2.55 14.56
C TRP B 579 -11.23 2.64 13.04
N PHE B 580 -12.34 3.09 12.44
CA PHE B 580 -12.38 3.21 10.99
C PHE B 580 -11.35 4.21 10.49
N SER B 581 -11.24 5.36 11.15
CA SER B 581 -10.25 6.35 10.73
C SER B 581 -8.83 5.84 10.91
N LEU B 582 -8.55 5.17 12.03
CA LEU B 582 -7.21 4.64 12.26
C LEU B 582 -6.86 3.57 11.22
N GLY B 583 -7.82 2.69 10.91
CA GLY B 583 -7.56 1.67 9.90
C GLY B 583 -7.37 2.25 8.52
N ALA B 584 -8.13 3.30 8.20
CA ALA B 584 -7.97 3.96 6.90
C ALA B 584 -6.61 4.63 6.80
N PHE B 585 -6.13 5.23 7.89
CA PHE B 585 -4.84 5.89 7.85
C PHE B 585 -3.71 4.89 7.61
N MET B 586 -3.79 3.71 8.23
CA MET B 586 -2.76 2.69 8.08
C MET B 586 -2.95 1.84 6.83
N GLN B 587 -3.89 2.21 5.95
CA GLN B 587 -4.14 1.50 4.69
C GLN B 587 -4.48 0.03 4.94
N GLN B 588 -5.27 -0.23 5.97
CA GLN B 588 -5.70 -1.58 6.31
C GLN B 588 -7.20 -1.71 6.11
N GLY B 589 -7.61 -2.84 5.53
CA GLY B 589 -9.01 -3.09 5.26
C GLY B 589 -9.87 -3.19 6.51
N CYS B 590 -10.70 -2.18 6.74
CA CYS B 590 -11.59 -2.16 7.87
C CYS B 590 -12.78 -3.10 7.63
N ASP B 591 -13.45 -3.47 8.72
CA ASP B 591 -14.59 -4.38 8.65
C ASP B 591 -15.91 -3.67 8.36
N ILE B 592 -15.96 -2.35 8.50
CA ILE B 592 -17.19 -1.59 8.29
C ILE B 592 -16.89 -0.40 7.38
N SER B 593 -17.81 -0.10 6.47
CA SER B 593 -17.67 1.00 5.55
C SER B 593 -18.95 1.84 5.56
N PRO B 594 -18.83 3.14 5.32
CA PRO B 594 -20.03 3.99 5.27
C PRO B 594 -20.97 3.55 4.17
N ARG B 595 -22.27 3.65 4.46
CA ARG B 595 -23.31 3.22 3.53
C ARG B 595 -24.23 4.37 3.11
N SER B 596 -23.77 5.60 3.24
CA SER B 596 -24.53 6.78 2.83
C SER B 596 -23.58 7.75 2.15
N LEU B 597 -24.16 8.63 1.31
CA LEU B 597 -23.35 9.59 0.57
C LEU B 597 -22.59 10.52 1.51
N SER B 598 -23.25 11.00 2.56
CA SER B 598 -22.64 11.96 3.47
C SER B 598 -21.43 11.35 4.18
N GLY B 599 -21.53 10.09 4.62
CA GLY B 599 -20.39 9.44 5.21
C GLY B 599 -19.33 9.01 4.21
N ARG B 600 -19.75 8.65 3.00
CA ARG B 600 -18.79 8.22 1.99
C ARG B 600 -17.95 9.39 1.48
N ILE B 601 -18.49 10.61 1.50
CA ILE B 601 -17.66 11.78 1.18
C ILE B 601 -16.52 11.91 2.18
N VAL B 602 -16.83 11.76 3.47
CA VAL B 602 -15.80 11.81 4.50
C VAL B 602 -14.79 10.69 4.28
N GLY B 603 -15.29 9.48 3.99
CA GLY B 603 -14.38 8.36 3.78
C GLY B 603 -13.43 8.60 2.61
N GLY B 604 -13.95 9.08 1.49
CA GLY B 604 -13.11 9.32 0.34
C GLY B 604 -12.09 10.43 0.57
N VAL B 605 -12.51 11.54 1.20
CA VAL B 605 -11.58 12.62 1.47
C VAL B 605 -10.49 12.17 2.43
N TRP B 606 -10.87 11.37 3.44
CA TRP B 606 -9.88 10.86 4.38
C TRP B 606 -8.90 9.92 3.69
N TRP B 607 -9.40 9.06 2.79
CA TRP B 607 -8.51 8.17 2.06
C TRP B 607 -7.54 8.94 1.19
N PHE B 608 -8.02 10.00 0.51
CA PHE B 608 -7.11 10.83 -0.28
C PHE B 608 -6.06 11.48 0.60
N PHE B 609 -6.47 12.02 1.75
CA PHE B 609 -5.52 12.64 2.67
C PHE B 609 -4.46 11.64 3.10
N THR B 610 -4.88 10.44 3.50
CA THR B 610 -3.92 9.44 3.99
C THR B 610 -2.99 8.99 2.89
N LEU B 611 -3.50 8.80 1.66
CA LEU B 611 -2.65 8.41 0.56
C LEU B 611 -1.58 9.46 0.27
N ILE B 612 -1.99 10.73 0.22
CA ILE B 612 -1.04 11.80 -0.04
C ILE B 612 -0.01 11.89 1.07
N ILE B 613 -0.44 11.78 2.32
CA ILE B 613 0.48 11.90 3.45
C ILE B 613 1.48 10.74 3.45
N ILE B 614 1.03 9.52 3.19
CA ILE B 614 1.93 8.38 3.20
C ILE B 614 2.92 8.48 2.03
N SER B 615 2.44 8.90 0.85
CA SER B 615 3.35 9.08 -0.27
C SER B 615 4.40 10.14 0.04
N SER B 616 3.98 11.25 0.66
CA SER B 616 4.93 12.29 1.03
C SER B 616 5.95 11.79 2.03
N TYR B 617 5.50 11.00 3.03
CA TYR B 617 6.41 10.45 4.02
C TYR B 617 7.45 9.54 3.35
N THR B 618 6.99 8.63 2.49
CA THR B 618 7.93 7.71 1.84
C THR B 618 8.91 8.47 0.95
N ALA B 619 8.42 9.46 0.19
CA ALA B 619 9.30 10.23 -0.67
C ALA B 619 10.33 11.01 0.13
N ASN B 620 9.90 11.64 1.23
CA ASN B 620 10.83 12.41 2.05
C ASN B 620 11.86 11.51 2.72
N LEU B 621 11.45 10.33 3.18
CA LEU B 621 12.41 9.40 3.76
C LEU B 621 13.42 8.92 2.73
N ALA B 622 12.95 8.64 1.51
CA ALA B 622 13.87 8.26 0.45
C ALA B 622 14.85 9.39 0.12
N ALA B 623 14.36 10.63 0.11
CA ALA B 623 15.25 11.76 -0.12
C ALA B 623 16.28 11.90 0.99
N PHE B 624 15.86 11.68 2.25
CA PHE B 624 16.80 11.72 3.36
C PHE B 624 17.86 10.64 3.23
N LEU B 625 17.45 9.43 2.84
CA LEU B 625 18.41 8.32 2.75
C LEU B 625 19.32 8.40 1.53
N THR B 626 18.89 9.07 0.46
CA THR B 626 19.72 9.15 -0.74
C THR B 626 20.90 10.10 -0.54
N VAL B 627 20.59 11.37 -0.28
CA VAL B 627 21.61 12.40 -0.11
C VAL B 627 21.83 12.63 1.38
N GLU B 628 23.08 12.50 1.81
CA GLU B 628 23.43 12.68 3.22
C GLU B 628 24.02 14.08 3.42
N ARG B 629 23.41 14.84 4.33
CA ARG B 629 23.86 16.19 4.64
C ARG B 629 24.03 16.33 6.15
N MET B 630 25.10 17.01 6.55
CA MET B 630 25.40 17.22 7.95
C MET B 630 25.36 18.70 8.31
N THR B 785 25.43 4.73 0.41
CA THR B 785 24.44 4.34 1.40
C THR B 785 24.57 2.86 1.75
N SER B 786 24.59 2.56 3.05
CA SER B 786 24.71 1.20 3.54
C SER B 786 23.35 0.70 4.03
N ALA B 787 23.33 -0.54 4.54
CA ALA B 787 22.10 -1.11 5.05
C ALA B 787 21.60 -0.33 6.26
N LEU B 788 20.27 -0.25 6.37
CA LEU B 788 19.66 0.46 7.48
C LEU B 788 19.94 -0.26 8.79
N SER B 789 20.47 0.46 9.77
CA SER B 789 20.78 -0.12 11.06
C SER B 789 19.53 -0.21 11.92
N LEU B 790 19.60 -1.09 12.93
CA LEU B 790 18.47 -1.25 13.83
C LEU B 790 18.29 -0.05 14.76
N SER B 791 19.34 0.76 14.94
CA SER B 791 19.21 1.96 15.77
C SER B 791 18.24 2.97 15.16
N ASN B 792 18.10 2.98 13.84
CA ASN B 792 17.18 3.91 13.20
C ASN B 792 15.73 3.57 13.48
N VAL B 793 15.40 2.27 13.58
CA VAL B 793 14.01 1.84 13.76
C VAL B 793 13.79 1.20 15.12
N ALA B 794 14.70 1.41 16.09
CA ALA B 794 14.46 0.91 17.43
C ALA B 794 13.27 1.61 18.09
N GLY B 795 12.97 2.82 17.66
CA GLY B 795 11.87 3.56 18.27
C GLY B 795 10.52 2.89 18.06
N VAL B 796 10.28 2.37 16.85
CA VAL B 796 9.00 1.71 16.61
C VAL B 796 8.92 0.41 17.39
N PHE B 797 10.04 -0.29 17.61
CA PHE B 797 10.03 -1.46 18.47
C PHE B 797 9.67 -1.09 19.91
N TYR B 798 10.27 0.00 20.42
CA TYR B 798 9.91 0.45 21.77
C TYR B 798 8.43 0.83 21.85
N ILE B 799 7.93 1.52 20.82
CA ILE B 799 6.52 1.93 20.79
C ILE B 799 5.62 0.70 20.75
N LEU B 800 6.00 -0.31 19.96
CA LEU B 800 5.21 -1.53 19.87
C LEU B 800 5.16 -2.25 21.21
N VAL B 801 6.29 -2.35 21.90
CA VAL B 801 6.31 -3.02 23.20
C VAL B 801 5.48 -2.25 24.21
N GLY B 802 5.60 -0.93 24.21
CA GLY B 802 4.78 -0.11 25.09
C GLY B 802 3.30 -0.28 24.81
N GLY B 803 2.93 -0.36 23.53
CA GLY B 803 1.55 -0.59 23.18
C GLY B 803 1.04 -1.94 23.65
N LEU B 804 1.86 -2.99 23.50
CA LEU B 804 1.46 -4.31 23.98
C LEU B 804 1.28 -4.31 25.50
N GLY B 805 2.19 -3.67 26.22
CA GLY B 805 2.05 -3.59 27.67
C GLY B 805 0.82 -2.81 28.09
N LEU B 806 0.56 -1.67 27.44
CA LEU B 806 -0.63 -0.89 27.75
C LEU B 806 -1.89 -1.68 27.43
N ALA B 807 -1.89 -2.43 26.33
CA ALA B 807 -3.05 -3.23 25.98
C ALA B 807 -3.29 -4.33 27.00
N MET B 808 -2.23 -4.97 27.47
CA MET B 808 -2.39 -5.99 28.52
C MET B 808 -2.94 -5.36 29.80
N LEU B 809 -2.43 -4.18 30.17
CA LEU B 809 -2.94 -3.50 31.36
C LEU B 809 -4.41 -3.14 31.21
N VAL B 810 -4.81 -2.64 30.04
CA VAL B 810 -6.20 -2.29 29.80
C VAL B 810 -7.09 -3.52 29.84
N ALA B 811 -6.61 -4.63 29.26
CA ALA B 811 -7.38 -5.88 29.30
C ALA B 811 -7.56 -6.35 30.74
N LEU B 812 -6.50 -6.27 31.55
CA LEU B 812 -6.63 -6.67 32.96
C LEU B 812 -7.61 -5.77 33.69
N ILE B 813 -7.55 -4.46 33.45
CA ILE B 813 -8.45 -3.53 34.11
C ILE B 813 -9.90 -3.84 33.73
N GLU B 814 -10.14 -4.06 32.44
CA GLU B 814 -11.49 -4.39 31.98
C GLU B 814 -11.97 -5.70 32.59
N PHE B 815 -11.08 -6.70 32.69
CA PHE B 815 -11.47 -7.98 33.26
C PHE B 815 -11.87 -7.84 34.73
N CYS B 816 -11.07 -7.10 35.50
CA CYS B 816 -11.41 -6.97 36.92
C CYS B 816 -12.63 -6.08 37.12
N TYR B 817 -12.88 -5.15 36.21
CA TYR B 817 -14.08 -4.31 36.31
C TYR B 817 -15.34 -5.06 35.89
N LYS B 818 -15.21 -6.03 34.98
CA LYS B 818 -16.39 -6.71 34.45
C LYS B 818 -17.15 -7.46 35.54
N SER B 819 -16.42 -8.12 36.44
CA SER B 819 -17.08 -8.85 37.52
C SER B 819 -17.86 -7.91 38.43
N ARG B 820 -17.30 -6.74 38.74
CA ARG B 820 -17.96 -5.76 39.59
C ARG B 820 -19.00 -4.97 38.79
N GLN C 504 18.03 34.57 -2.64
CA GLN C 504 16.92 33.79 -3.17
C GLN C 504 16.02 33.27 -2.05
N LYS C 505 14.71 33.43 -2.22
CA LYS C 505 13.74 32.96 -1.24
C LYS C 505 12.49 32.50 -1.96
N SER C 506 11.83 31.50 -1.39
CA SER C 506 10.63 30.94 -1.99
C SER C 506 9.80 30.27 -0.90
N LYS C 507 8.52 30.07 -1.21
CA LYS C 507 7.59 29.40 -0.31
C LYS C 507 6.67 28.53 -1.15
N PRO C 508 6.51 27.26 -0.81
CA PRO C 508 5.61 26.39 -1.58
C PRO C 508 4.18 26.92 -1.57
N GLY C 509 3.52 26.81 -2.72
CA GLY C 509 2.16 27.29 -2.84
C GLY C 509 1.13 26.27 -2.43
N VAL C 510 -0.13 26.72 -2.41
CA VAL C 510 -1.24 25.82 -2.11
C VAL C 510 -1.45 24.88 -3.30
N PHE C 511 -1.87 23.65 -3.00
CA PHE C 511 -2.01 22.58 -3.99
C PHE C 511 -0.70 22.32 -4.72
N SER C 512 0.42 22.45 -4.01
CA SER C 512 1.72 22.09 -4.58
C SER C 512 1.92 20.58 -4.66
N PHE C 513 1.08 19.80 -3.97
CA PHE C 513 1.19 18.36 -3.99
C PHE C 513 0.75 17.74 -5.32
N LEU C 514 0.15 18.53 -6.20
CA LEU C 514 -0.20 18.07 -7.55
C LEU C 514 0.96 18.17 -8.53
N ASP C 515 2.11 18.71 -8.09
CA ASP C 515 3.25 18.82 -8.99
C ASP C 515 3.75 17.48 -9.56
N PRO C 516 3.85 16.39 -8.79
CA PRO C 516 4.44 15.17 -9.36
C PRO C 516 3.73 14.65 -10.61
N LEU C 517 2.43 14.87 -10.75
CA LEU C 517 1.70 14.44 -11.93
C LEU C 517 1.12 15.65 -12.64
N ALA C 518 1.29 15.69 -13.96
CA ALA C 518 0.77 16.80 -14.74
C ALA C 518 -0.74 16.86 -14.63
N TYR C 519 -1.30 18.06 -14.79
CA TYR C 519 -2.74 18.24 -14.64
C TYR C 519 -3.51 17.44 -15.68
N GLU C 520 -2.90 17.18 -16.84
CA GLU C 520 -3.52 16.29 -17.82
C GLU C 520 -3.70 14.89 -17.24
N ILE C 521 -2.69 14.41 -16.50
CA ILE C 521 -2.79 13.10 -15.87
C ILE C 521 -3.91 13.08 -14.84
N TRP C 522 -4.04 14.14 -14.04
CA TRP C 522 -5.12 14.20 -13.06
C TRP C 522 -6.49 14.19 -13.73
N MET C 523 -6.64 14.99 -14.80
CA MET C 523 -7.91 15.02 -15.51
C MET C 523 -8.24 13.66 -16.12
N CYS C 524 -7.26 13.01 -16.72
CA CYS C 524 -7.48 11.69 -17.28
C CYS C 524 -7.75 10.65 -16.20
N ILE C 525 -7.17 10.83 -15.01
CA ILE C 525 -7.48 9.94 -13.89
C ILE C 525 -8.94 10.10 -13.48
N VAL C 526 -9.43 11.33 -13.43
CA VAL C 526 -10.83 11.55 -13.08
C VAL C 526 -11.74 10.91 -14.12
N PHE C 527 -11.45 11.14 -15.40
CA PHE C 527 -12.26 10.53 -16.45
C PHE C 527 -12.18 9.01 -16.40
N ALA C 528 -11.00 8.44 -16.16
CA ALA C 528 -10.86 7.00 -16.08
C ALA C 528 -11.64 6.43 -14.90
N TYR C 529 -11.59 7.11 -13.75
CA TYR C 529 -12.40 6.72 -12.60
C TYR C 529 -13.88 6.65 -12.97
N ILE C 530 -14.41 7.73 -13.55
CA ILE C 530 -15.83 7.77 -13.83
C ILE C 530 -16.20 6.72 -14.87
N GLY C 531 -15.37 6.57 -15.90
CA GLY C 531 -15.65 5.59 -16.94
C GLY C 531 -15.60 4.16 -16.43
N VAL C 532 -14.60 3.83 -15.62
CA VAL C 532 -14.50 2.49 -15.06
C VAL C 532 -15.69 2.20 -14.16
N SER C 533 -16.10 3.20 -13.36
CA SER C 533 -17.28 3.02 -12.52
C SER C 533 -18.51 2.72 -13.36
N VAL C 534 -18.73 3.49 -14.43
CA VAL C 534 -19.94 3.29 -15.23
C VAL C 534 -19.89 1.97 -15.97
N VAL C 535 -18.71 1.58 -16.47
CA VAL C 535 -18.59 0.30 -17.17
C VAL C 535 -18.82 -0.86 -16.20
N LEU C 536 -18.31 -0.75 -14.97
CA LEU C 536 -18.54 -1.80 -13.98
C LEU C 536 -20.03 -1.90 -13.65
N PHE C 537 -20.70 -0.76 -13.49
CA PHE C 537 -22.15 -0.78 -13.27
C PHE C 537 -22.88 -1.43 -14.43
N LEU C 538 -22.47 -1.10 -15.66
CA LEU C 538 -23.11 -1.65 -16.85
C LEU C 538 -22.95 -3.16 -16.91
N VAL C 539 -21.74 -3.67 -16.65
CA VAL C 539 -21.51 -5.10 -16.74
C VAL C 539 -22.05 -5.87 -15.53
N SER C 540 -22.29 -5.19 -14.41
CA SER C 540 -22.87 -5.85 -13.25
C SER C 540 -24.38 -5.72 -13.16
N ARG C 541 -24.99 -4.87 -14.00
CA ARG C 541 -26.45 -4.76 -13.99
C ARG C 541 -27.13 -5.79 -14.88
N PHE C 542 -26.48 -6.24 -15.94
CA PHE C 542 -27.11 -7.12 -16.91
C PHE C 542 -26.64 -8.57 -16.83
N SER C 543 -25.36 -8.79 -16.49
CA SER C 543 -24.84 -10.15 -16.45
C SER C 543 -25.55 -11.03 -15.43
N PRO C 544 -25.77 -10.62 -14.17
CA PRO C 544 -26.50 -11.52 -13.28
C PRO C 544 -28.01 -11.50 -13.54
N ASN C 565 -26.85 -7.82 -8.57
CA ASN C 565 -25.84 -7.72 -7.52
C ASN C 565 -25.95 -6.40 -6.78
N GLU C 566 -24.96 -6.11 -5.93
CA GLU C 566 -24.93 -4.89 -5.14
C GLU C 566 -24.30 -3.72 -5.88
N PHE C 567 -23.84 -3.92 -7.12
CA PHE C 567 -23.13 -2.88 -7.86
C PHE C 567 -24.12 -1.99 -8.60
N GLY C 568 -24.74 -1.09 -7.84
CA GLY C 568 -25.42 0.04 -8.43
C GLY C 568 -24.42 1.09 -8.86
N ILE C 569 -24.92 2.18 -9.44
CA ILE C 569 -24.03 3.24 -9.91
C ILE C 569 -23.29 3.87 -8.72
N PHE C 570 -23.99 4.12 -7.62
CA PHE C 570 -23.37 4.74 -6.45
C PHE C 570 -22.38 3.77 -5.81
N ASN C 571 -22.77 2.50 -5.66
CA ASN C 571 -21.86 1.52 -5.08
C ASN C 571 -20.67 1.23 -5.99
N SER C 572 -20.86 1.28 -7.32
CA SER C 572 -19.72 1.14 -8.22
C SER C 572 -18.77 2.34 -8.09
N LEU C 573 -19.32 3.55 -7.94
CA LEU C 573 -18.46 4.70 -7.68
C LEU C 573 -17.67 4.53 -6.40
N TRP C 574 -18.34 4.04 -5.34
CA TRP C 574 -17.64 3.81 -4.09
C TRP C 574 -16.56 2.74 -4.23
N PHE C 575 -16.85 1.67 -4.96
CA PHE C 575 -15.86 0.61 -5.16
C PHE C 575 -14.66 1.12 -5.94
N SER C 576 -14.90 1.91 -6.99
CA SER C 576 -13.79 2.46 -7.77
C SER C 576 -12.94 3.41 -6.92
N LEU C 577 -13.60 4.25 -6.11
CA LEU C 577 -12.87 5.15 -5.24
C LEU C 577 -12.04 4.38 -4.22
N GLY C 578 -12.60 3.32 -3.65
CA GLY C 578 -11.84 2.50 -2.70
C GLY C 578 -10.68 1.79 -3.35
N ALA C 579 -10.87 1.28 -4.57
CA ALA C 579 -9.79 0.58 -5.26
C ALA C 579 -8.67 1.52 -5.66
N PHE C 580 -9.01 2.74 -6.10
CA PHE C 580 -7.97 3.69 -6.47
C PHE C 580 -7.15 4.14 -5.27
N MET C 581 -7.78 4.25 -4.09
CA MET C 581 -7.06 4.63 -2.89
C MET C 581 -6.36 3.47 -2.22
N GLN C 582 -6.49 2.25 -2.76
CA GLN C 582 -5.87 1.05 -2.20
C GLN C 582 -6.29 0.84 -0.75
N GLN C 583 -7.54 1.14 -0.45
CA GLN C 583 -8.06 1.05 0.91
C GLN C 583 -9.05 -0.10 1.10
N GLY C 584 -9.17 -0.97 0.11
CA GLY C 584 -10.09 -2.09 0.19
C GLY C 584 -11.52 -1.70 -0.12
N CYS C 585 -12.40 -2.68 0.01
CA CYS C 585 -13.82 -2.48 -0.26
C CYS C 585 -14.62 -3.57 0.43
N ASP C 586 -15.88 -3.27 0.72
CA ASP C 586 -16.76 -4.23 1.37
C ASP C 586 -17.33 -5.26 0.39
N ILE C 587 -17.31 -4.96 -0.90
CA ILE C 587 -17.94 -5.80 -1.92
C ILE C 587 -16.96 -5.99 -3.07
N SER C 588 -16.92 -7.22 -3.61
CA SER C 588 -16.05 -7.55 -4.72
C SER C 588 -16.86 -8.14 -5.87
N PRO C 589 -16.44 -7.88 -7.12
CA PRO C 589 -17.19 -8.40 -8.27
C PRO C 589 -17.22 -9.92 -8.29
N ARG C 590 -18.33 -10.47 -8.79
CA ARG C 590 -18.51 -11.90 -8.95
C ARG C 590 -18.39 -12.35 -10.41
N SER C 591 -19.06 -11.65 -11.32
CA SER C 591 -19.07 -12.05 -12.72
C SER C 591 -17.69 -11.85 -13.35
N LEU C 592 -17.48 -12.53 -14.48
CA LEU C 592 -16.18 -12.46 -15.16
C LEU C 592 -15.88 -11.06 -15.67
N SER C 593 -16.88 -10.40 -16.27
CA SER C 593 -16.66 -9.05 -16.78
C SER C 593 -16.35 -8.07 -15.67
N GLY C 594 -17.09 -8.15 -14.56
CA GLY C 594 -16.82 -7.29 -13.42
C GLY C 594 -15.42 -7.51 -12.87
N ARG C 595 -14.98 -8.77 -12.81
CA ARG C 595 -13.64 -9.04 -12.31
C ARG C 595 -12.56 -8.57 -13.29
N ILE C 596 -12.81 -8.63 -14.60
CA ILE C 596 -11.87 -8.07 -15.56
C ILE C 596 -11.76 -6.56 -15.37
N VAL C 597 -12.89 -5.89 -15.18
CA VAL C 597 -12.87 -4.45 -14.92
C VAL C 597 -12.11 -4.15 -13.64
N GLY C 598 -12.36 -4.94 -12.59
CA GLY C 598 -11.65 -4.73 -11.35
C GLY C 598 -10.15 -4.93 -11.48
N GLY C 599 -9.75 -5.96 -12.23
CA GLY C 599 -8.33 -6.21 -12.42
C GLY C 599 -7.63 -5.11 -13.18
N VAL C 600 -8.25 -4.64 -14.28
CA VAL C 600 -7.61 -3.56 -15.05
C VAL C 600 -7.57 -2.28 -14.23
N TRP C 601 -8.62 -2.01 -13.44
CA TRP C 601 -8.61 -0.83 -12.59
C TRP C 601 -7.54 -0.93 -11.51
N TRP C 602 -7.36 -2.12 -10.92
CA TRP C 602 -6.32 -2.31 -9.92
C TRP C 602 -4.93 -2.12 -10.53
N PHE C 603 -4.70 -2.65 -11.73
CA PHE C 603 -3.43 -2.43 -12.39
C PHE C 603 -3.19 -0.95 -12.65
N PHE C 604 -4.22 -0.26 -13.14
CA PHE C 604 -4.09 1.17 -13.41
C PHE C 604 -3.72 1.93 -12.14
N THR C 605 -4.44 1.68 -11.04
CA THR C 605 -4.18 2.45 -9.83
C THR C 605 -2.84 2.08 -9.23
N LEU C 606 -2.41 0.82 -9.33
CA LEU C 606 -1.08 0.45 -8.85
C LEU C 606 0.00 1.22 -9.62
N ILE C 607 -0.11 1.25 -10.94
CA ILE C 607 0.89 1.96 -11.74
C ILE C 607 0.87 3.45 -11.41
N ILE C 608 -0.32 4.03 -11.26
CA ILE C 608 -0.43 5.47 -11.01
C ILE C 608 0.18 5.83 -9.65
N ILE C 609 -0.15 5.05 -8.61
CA ILE C 609 0.39 5.34 -7.28
C ILE C 609 1.90 5.14 -7.26
N SER C 610 2.40 4.09 -7.92
CA SER C 610 3.84 3.89 -7.97
C SER C 610 4.53 5.06 -8.68
N SER C 611 3.97 5.51 -9.80
CA SER C 611 4.55 6.64 -10.51
C SER C 611 4.54 7.91 -9.66
N TYR C 612 3.43 8.16 -8.96
CA TYR C 612 3.35 9.34 -8.11
C TYR C 612 4.41 9.31 -7.02
N THR C 613 4.51 8.18 -6.31
CA THR C 613 5.48 8.09 -5.22
C THR C 613 6.90 8.23 -5.75
N ALA C 614 7.21 7.55 -6.87
CA ALA C 614 8.56 7.60 -7.42
C ALA C 614 8.93 9.01 -7.86
N ASN C 615 8.00 9.70 -8.53
CA ASN C 615 8.33 11.04 -9.02
C ASN C 615 8.39 12.06 -7.89
N LEU C 616 7.57 11.91 -6.86
CA LEU C 616 7.70 12.80 -5.71
C LEU C 616 9.03 12.56 -4.99
N ALA C 617 9.46 11.31 -4.88
CA ALA C 617 10.77 11.02 -4.31
C ALA C 617 11.87 11.65 -5.16
N ALA C 618 11.74 11.56 -6.48
CA ALA C 618 12.72 12.19 -7.36
C ALA C 618 12.75 13.70 -7.17
N PHE C 619 11.59 14.32 -7.07
CA PHE C 619 11.52 15.77 -6.84
C PHE C 619 12.23 16.15 -5.55
N LEU C 620 11.92 15.45 -4.46
CA LEU C 620 12.54 15.80 -3.18
C LEU C 620 14.04 15.53 -3.19
N THR C 621 14.47 14.44 -3.83
CA THR C 621 15.90 14.14 -3.89
C THR C 621 16.65 15.20 -4.69
N VAL C 622 16.10 15.63 -5.82
CA VAL C 622 16.75 16.66 -6.62
C VAL C 622 16.75 17.99 -5.87
N GLU C 623 15.67 18.29 -5.16
CA GLU C 623 15.62 19.53 -4.38
C GLU C 623 16.66 19.53 -3.28
N ARG C 624 16.84 18.40 -2.59
CA ARG C 624 17.83 18.30 -1.53
C ARG C 624 19.26 18.19 -2.06
N MET C 625 19.44 17.78 -3.31
CA MET C 625 20.78 17.58 -3.85
C MET C 625 21.45 18.90 -4.21
N VAL C 626 20.68 19.90 -4.62
CA VAL C 626 21.24 21.18 -5.04
C VAL C 626 21.80 21.94 -3.84
N SER C 781 15.20 20.10 7.47
CA SER C 781 15.08 19.63 6.10
C SER C 781 13.80 18.86 5.84
N ALA C 782 13.00 18.59 6.86
CA ALA C 782 11.76 17.85 6.67
C ALA C 782 10.75 18.70 5.91
N LEU C 783 9.74 18.02 5.35
CA LEU C 783 8.65 18.71 4.68
C LEU C 783 7.92 19.62 5.65
N SER C 784 7.66 20.86 5.22
CA SER C 784 6.96 21.82 6.05
C SER C 784 5.46 21.66 5.88
N LEU C 785 4.70 22.37 6.72
CA LEU C 785 3.25 22.32 6.63
C LEU C 785 2.74 22.93 5.33
N SER C 786 3.49 23.86 4.75
CA SER C 786 3.07 24.52 3.53
C SER C 786 3.07 23.58 2.32
N ASN C 787 3.88 22.52 2.35
CA ASN C 787 3.91 21.58 1.23
C ASN C 787 2.63 20.77 1.12
N VAL C 788 1.96 20.49 2.25
CA VAL C 788 0.75 19.71 2.27
C VAL C 788 -0.45 20.51 2.79
N ALA C 789 -0.35 21.83 2.79
CA ALA C 789 -1.47 22.66 3.26
C ALA C 789 -2.69 22.50 2.38
N GLY C 790 -2.49 22.29 1.08
CA GLY C 790 -3.62 22.06 0.19
C GLY C 790 -4.42 20.84 0.56
N VAL C 791 -3.73 19.78 1.02
CA VAL C 791 -4.44 18.56 1.42
C VAL C 791 -5.31 18.83 2.64
N PHE C 792 -4.79 19.58 3.61
CA PHE C 792 -5.58 19.92 4.79
C PHE C 792 -6.77 20.81 4.44
N TYR C 793 -6.57 21.76 3.53
CA TYR C 793 -7.68 22.60 3.08
C TYR C 793 -8.75 21.75 2.38
N ILE C 794 -8.31 20.80 1.55
CA ILE C 794 -9.25 19.89 0.89
C ILE C 794 -10.01 19.07 1.91
N LEU C 795 -9.33 18.59 2.95
CA LEU C 795 -9.98 17.81 4.00
C LEU C 795 -11.04 18.65 4.73
N ILE C 796 -10.70 19.89 5.08
CA ILE C 796 -11.66 20.74 5.78
C ILE C 796 -12.87 21.03 4.91
N GLY C 797 -12.62 21.36 3.63
CA GLY C 797 -13.73 21.61 2.72
C GLY C 797 -14.61 20.39 2.52
N GLY C 798 -13.98 19.21 2.43
CA GLY C 798 -14.75 17.98 2.28
C GLY C 798 -15.60 17.68 3.49
N LEU C 799 -15.05 17.89 4.69
CA LEU C 799 -15.84 17.69 5.90
C LEU C 799 -17.02 18.64 5.96
N GLY C 800 -16.80 19.92 5.62
CA GLY C 800 -17.91 20.86 5.61
C GLY C 800 -18.97 20.50 4.59
N LEU C 801 -18.55 20.12 3.38
CA LEU C 801 -19.49 19.71 2.35
C LEU C 801 -20.26 18.47 2.77
N ALA C 802 -19.59 17.52 3.43
CA ALA C 802 -20.26 16.31 3.89
C ALA C 802 -21.29 16.63 4.96
N MET C 803 -20.97 17.54 5.88
CA MET C 803 -21.97 17.95 6.87
C MET C 803 -23.16 18.62 6.20
N LEU C 804 -22.92 19.47 5.20
CA LEU C 804 -24.02 20.10 4.48
C LEU C 804 -24.89 19.06 3.77
N VAL C 805 -24.25 18.07 3.14
CA VAL C 805 -25.00 17.02 2.45
C VAL C 805 -25.79 16.19 3.45
N ALA C 806 -25.23 15.95 4.63
CA ALA C 806 -25.96 15.24 5.67
C ALA C 806 -27.20 16.01 6.10
N LEU C 807 -27.06 17.33 6.26
CA LEU C 807 -28.23 18.15 6.61
C LEU C 807 -29.28 18.09 5.51
N ILE C 808 -28.85 18.19 4.25
CA ILE C 808 -29.80 18.14 3.14
C ILE C 808 -30.51 16.79 3.10
N GLU C 809 -29.77 15.71 3.31
CA GLU C 809 -30.35 14.37 3.31
C GLU C 809 -31.33 14.21 4.47
N PHE C 810 -31.00 14.77 5.63
CA PHE C 810 -31.93 14.74 6.76
C PHE C 810 -33.24 15.44 6.40
N CYS C 811 -33.13 16.64 5.82
CA CYS C 811 -34.33 17.39 5.46
C CYS C 811 -35.17 16.64 4.42
N TYR C 812 -34.52 16.01 3.44
CA TYR C 812 -35.26 15.30 2.41
C TYR C 812 -35.90 14.04 2.95
N LYS C 813 -35.17 13.26 3.76
CA LYS C 813 -35.69 12.00 4.27
C LYS C 813 -36.79 12.22 5.30
N SER C 814 -36.75 13.35 6.01
CA SER C 814 -37.82 13.65 6.95
C SER C 814 -39.16 13.79 6.23
N ARG C 815 -39.16 14.45 5.07
CA ARG C 815 -40.38 14.61 4.30
C ARG C 815 -40.67 13.35 3.49
N GLN D 509 19.81 12.43 -26.75
CA GLN D 509 18.88 13.30 -26.02
C GLN D 509 17.82 12.48 -25.30
N LYS D 510 16.85 13.16 -24.70
CA LYS D 510 15.76 12.50 -24.00
C LYS D 510 14.90 11.75 -25.02
N SER D 511 14.92 10.42 -24.97
CA SER D 511 14.20 9.62 -25.94
C SER D 511 12.69 9.75 -25.75
N LYS D 512 11.96 9.49 -26.83
CA LYS D 512 10.51 9.56 -26.77
C LYS D 512 9.97 8.43 -25.90
N PRO D 513 9.17 8.74 -24.87
CA PRO D 513 8.59 7.67 -24.06
C PRO D 513 7.75 6.71 -24.90
N GLY D 514 7.92 5.43 -24.62
CA GLY D 514 7.19 4.41 -25.35
C GLY D 514 5.78 4.21 -24.81
N VAL D 515 5.00 3.43 -25.56
CA VAL D 515 3.65 3.09 -25.11
C VAL D 515 3.71 2.26 -23.83
N PHE D 516 4.59 1.27 -23.80
CA PHE D 516 4.79 0.41 -22.64
C PHE D 516 6.00 0.83 -21.82
N SER D 517 6.23 2.14 -21.70
CA SER D 517 7.36 2.64 -20.93
C SER D 517 7.23 2.32 -19.44
N PHE D 518 6.03 1.97 -18.98
CA PHE D 518 5.86 1.61 -17.57
C PHE D 518 6.44 0.24 -17.23
N LEU D 519 6.85 -0.53 -18.23
CA LEU D 519 7.55 -1.79 -18.01
C LEU D 519 9.05 -1.62 -17.87
N ASP D 520 9.57 -0.40 -18.00
CA ASP D 520 11.01 -0.17 -17.86
C ASP D 520 11.57 -0.55 -16.50
N PRO D 521 10.93 -0.26 -15.35
CA PRO D 521 11.58 -0.57 -14.07
C PRO D 521 11.98 -2.02 -13.88
N LEU D 522 11.19 -2.97 -14.38
CA LEU D 522 11.49 -4.39 -14.23
C LEU D 522 11.75 -5.01 -15.60
N ALA D 523 12.74 -5.90 -15.66
CA ALA D 523 13.06 -6.57 -16.91
C ALA D 523 11.91 -7.48 -17.34
N TYR D 524 11.82 -7.71 -18.66
CA TYR D 524 10.76 -8.53 -19.20
C TYR D 524 10.84 -9.97 -18.67
N GLU D 525 12.04 -10.44 -18.34
CA GLU D 525 12.17 -11.74 -17.71
C GLU D 525 11.43 -11.79 -16.38
N ILE D 526 11.56 -10.72 -15.58
CA ILE D 526 10.86 -10.66 -14.31
C ILE D 526 9.35 -10.64 -14.52
N TRP D 527 8.88 -9.91 -15.54
CA TRP D 527 7.45 -9.88 -15.83
C TRP D 527 6.92 -11.26 -16.21
N MET D 528 7.65 -11.96 -17.08
CA MET D 528 7.26 -13.31 -17.47
C MET D 528 7.27 -14.26 -16.27
N CYS D 529 8.29 -14.15 -15.41
CA CYS D 529 8.35 -14.97 -14.22
C CYS D 529 7.19 -14.65 -13.27
N ILE D 530 6.80 -13.39 -13.20
CA ILE D 530 5.64 -13.00 -12.38
C ILE D 530 4.37 -13.64 -12.92
N VAL D 531 4.20 -13.64 -14.24
CA VAL D 531 3.00 -14.23 -14.83
C VAL D 531 2.96 -15.73 -14.52
N PHE D 532 4.07 -16.44 -14.75
CA PHE D 532 4.09 -17.87 -14.45
C PHE D 532 3.96 -18.15 -12.97
N ALA D 533 4.51 -17.29 -12.11
CA ALA D 533 4.36 -17.48 -10.67
C ALA D 533 2.91 -17.29 -10.25
N TYR D 534 2.22 -16.31 -10.82
CA TYR D 534 0.80 -16.13 -10.55
C TYR D 534 0.00 -17.37 -10.95
N ILE D 535 0.27 -17.89 -12.16
CA ILE D 535 -0.44 -19.09 -12.61
C ILE D 535 -0.15 -20.26 -11.69
N GLY D 536 1.11 -20.44 -11.32
CA GLY D 536 1.48 -21.56 -10.45
C GLY D 536 0.88 -21.45 -9.07
N VAL D 537 0.88 -20.25 -8.49
CA VAL D 537 0.27 -20.06 -7.18
C VAL D 537 -1.22 -20.36 -7.22
N SER D 538 -1.91 -19.90 -8.27
CA SER D 538 -3.32 -20.21 -8.40
C SER D 538 -3.55 -21.71 -8.52
N VAL D 539 -2.75 -22.40 -9.33
CA VAL D 539 -2.91 -23.84 -9.50
C VAL D 539 -2.65 -24.57 -8.19
N VAL D 540 -1.58 -24.21 -7.49
CA VAL D 540 -1.24 -24.86 -6.23
C VAL D 540 -2.33 -24.63 -5.19
N LEU D 541 -2.84 -23.39 -5.10
CA LEU D 541 -3.90 -23.11 -4.14
C LEU D 541 -5.16 -23.90 -4.46
N PHE D 542 -5.52 -23.99 -5.74
CA PHE D 542 -6.69 -24.77 -6.12
C PHE D 542 -6.52 -26.24 -5.76
N LEU D 543 -5.34 -26.80 -6.07
CA LEU D 543 -5.10 -28.22 -5.78
C LEU D 543 -5.14 -28.49 -4.28
N VAL D 544 -4.52 -27.60 -3.49
CA VAL D 544 -4.49 -27.77 -2.04
C VAL D 544 -5.91 -27.66 -1.47
N SER D 545 -6.69 -26.67 -1.93
CA SER D 545 -8.03 -26.50 -1.43
C SER D 545 -8.92 -27.70 -1.77
N ARG D 546 -8.80 -28.22 -3.00
CA ARG D 546 -9.66 -29.33 -3.41
C ARG D 546 -9.27 -30.62 -2.70
N PHE D 547 -7.97 -30.94 -2.67
CA PHE D 547 -7.54 -32.22 -2.12
C PHE D 547 -7.55 -32.24 -0.59
N SER D 548 -7.48 -31.08 0.06
CA SER D 548 -7.55 -30.99 1.53
C SER D 548 -8.56 -29.91 1.91
N PRO D 549 -9.86 -30.20 1.76
CA PRO D 549 -10.91 -29.22 2.06
C PRO D 549 -11.06 -28.95 3.55
N ASN D 570 -16.79 -26.19 -2.86
CA ASN D 570 -15.50 -25.64 -2.48
C ASN D 570 -15.47 -24.14 -2.78
N GLU D 571 -15.13 -23.34 -1.78
CA GLU D 571 -15.09 -21.89 -1.96
C GLU D 571 -13.95 -21.46 -2.88
N PHE D 572 -12.83 -22.19 -2.86
CA PHE D 572 -11.67 -21.85 -3.67
C PHE D 572 -11.63 -22.74 -4.91
N GLY D 573 -12.41 -22.34 -5.92
CA GLY D 573 -12.30 -22.93 -7.24
C GLY D 573 -11.13 -22.34 -7.99
N ILE D 574 -10.98 -22.79 -9.23
CA ILE D 574 -9.87 -22.29 -10.06
C ILE D 574 -10.04 -20.80 -10.33
N PHE D 575 -11.26 -20.38 -10.69
CA PHE D 575 -11.50 -18.97 -10.98
C PHE D 575 -11.38 -18.12 -9.71
N ASN D 576 -11.91 -18.61 -8.59
CA ASN D 576 -11.81 -17.87 -7.34
C ASN D 576 -10.37 -17.78 -6.86
N SER D 577 -9.58 -18.85 -7.05
CA SER D 577 -8.16 -18.79 -6.69
C SER D 577 -7.41 -17.82 -7.58
N LEU D 578 -7.72 -17.79 -8.89
CA LEU D 578 -7.11 -16.81 -9.77
C LEU D 578 -7.45 -15.39 -9.32
N TRP D 579 -8.71 -15.15 -8.95
CA TRP D 579 -9.11 -13.85 -8.45
C TRP D 579 -8.39 -13.50 -7.15
N PHE D 580 -8.26 -14.46 -6.25
CA PHE D 580 -7.56 -14.22 -4.99
C PHE D 580 -6.10 -13.83 -5.24
N SER D 581 -5.43 -14.57 -6.12
CA SER D 581 -4.03 -14.26 -6.41
C SER D 581 -3.89 -12.89 -7.07
N LEU D 582 -4.78 -12.57 -8.03
CA LEU D 582 -4.71 -11.27 -8.68
C LEU D 582 -4.96 -10.14 -7.69
N GLY D 583 -5.94 -10.31 -6.79
CA GLY D 583 -6.20 -9.29 -5.79
C GLY D 583 -5.06 -9.13 -4.81
N ALA D 584 -4.43 -10.25 -4.42
CA ALA D 584 -3.29 -10.17 -3.52
C ALA D 584 -2.12 -9.45 -4.18
N PHE D 585 -1.89 -9.69 -5.47
CA PHE D 585 -0.78 -9.03 -6.15
C PHE D 585 -0.98 -7.52 -6.21
N MET D 586 -2.22 -7.08 -6.41
CA MET D 586 -2.52 -5.65 -6.48
C MET D 586 -2.70 -5.02 -5.10
N GLN D 587 -2.46 -5.78 -4.03
CA GLN D 587 -2.58 -5.29 -2.65
C GLN D 587 -3.97 -4.73 -2.37
N GLN D 588 -4.98 -5.41 -2.88
CA GLN D 588 -6.38 -5.04 -2.67
C GLN D 588 -7.08 -6.11 -1.86
N GLY D 589 -7.85 -5.68 -0.87
CA GLY D 589 -8.58 -6.61 -0.02
C GLY D 589 -9.59 -7.46 -0.77
N CYS D 590 -9.43 -8.77 -0.67
CA CYS D 590 -10.33 -9.71 -1.33
C CYS D 590 -11.41 -10.18 -0.37
N ASP D 591 -12.45 -10.80 -0.96
CA ASP D 591 -13.61 -11.23 -0.18
C ASP D 591 -13.44 -12.63 0.41
N ILE D 592 -12.41 -13.38 0.01
CA ILE D 592 -12.21 -14.73 0.47
C ILE D 592 -10.76 -14.91 0.90
N SER D 593 -10.55 -15.61 2.00
CA SER D 593 -9.23 -15.90 2.52
C SER D 593 -9.12 -17.37 2.86
N PRO D 594 -7.94 -17.98 2.70
CA PRO D 594 -7.78 -19.39 3.06
C PRO D 594 -8.07 -19.63 4.54
N ARG D 595 -8.68 -20.77 4.83
CA ARG D 595 -9.08 -21.11 6.20
C ARG D 595 -8.39 -22.38 6.69
N SER D 596 -7.31 -22.81 6.04
CA SER D 596 -6.53 -23.96 6.47
C SER D 596 -5.05 -23.60 6.36
N LEU D 597 -4.24 -24.26 7.19
CA LEU D 597 -2.81 -23.96 7.23
C LEU D 597 -2.15 -24.18 5.87
N SER D 598 -2.55 -25.24 5.16
CA SER D 598 -1.92 -25.57 3.90
C SER D 598 -2.11 -24.48 2.85
N GLY D 599 -3.30 -23.88 2.78
CA GLY D 599 -3.52 -22.77 1.87
C GLY D 599 -3.03 -21.45 2.42
N ARG D 600 -3.01 -21.33 3.74
CA ARG D 600 -2.55 -20.09 4.37
C ARG D 600 -1.06 -19.89 4.19
N ILE D 601 -0.28 -20.99 4.13
CA ILE D 601 1.13 -20.88 3.80
C ILE D 601 1.31 -20.29 2.41
N VAL D 602 0.52 -20.78 1.45
CA VAL D 602 0.57 -20.23 0.09
C VAL D 602 0.20 -18.75 0.11
N GLY D 603 -0.85 -18.39 0.84
CA GLY D 603 -1.26 -17.00 0.90
C GLY D 603 -0.18 -16.09 1.45
N GLY D 604 0.45 -16.52 2.55
CA GLY D 604 1.50 -15.70 3.16
C GLY D 604 2.72 -15.57 2.26
N VAL D 605 3.15 -16.67 1.64
CA VAL D 605 4.30 -16.60 0.75
C VAL D 605 4.00 -15.72 -0.46
N TRP D 606 2.79 -15.83 -1.00
CA TRP D 606 2.41 -14.98 -2.12
C TRP D 606 2.38 -13.51 -1.73
N TRP D 607 1.86 -13.20 -0.53
CA TRP D 607 1.86 -11.82 -0.07
C TRP D 607 3.27 -11.28 0.08
N PHE D 608 4.19 -12.08 0.62
CA PHE D 608 5.57 -11.65 0.72
C PHE D 608 6.17 -11.39 -0.66
N PHE D 609 5.91 -12.29 -1.60
CA PHE D 609 6.42 -12.11 -2.97
C PHE D 609 5.91 -10.81 -3.57
N THR D 610 4.61 -10.56 -3.46
CA THR D 610 4.03 -9.35 -4.05
C THR D 610 4.56 -8.09 -3.37
N LEU D 611 4.72 -8.12 -2.05
CA LEU D 611 5.25 -6.96 -1.35
C LEU D 611 6.67 -6.65 -1.81
N ILE D 612 7.52 -7.67 -1.89
CA ILE D 612 8.90 -7.45 -2.32
C ILE D 612 8.94 -6.94 -3.76
N ILE D 613 8.12 -7.53 -4.64
CA ILE D 613 8.13 -7.14 -6.04
C ILE D 613 7.67 -5.70 -6.21
N ILE D 614 6.61 -5.30 -5.49
CA ILE D 614 6.10 -3.95 -5.62
C ILE D 614 7.09 -2.94 -5.04
N SER D 615 7.73 -3.28 -3.91
CA SER D 615 8.75 -2.40 -3.37
C SER D 615 9.91 -2.23 -4.34
N SER D 616 10.34 -3.33 -4.97
CA SER D 616 11.42 -3.25 -5.95
C SER D 616 11.01 -2.39 -7.15
N TYR D 617 9.78 -2.55 -7.63
CA TYR D 617 9.30 -1.75 -8.74
C TYR D 617 9.32 -0.26 -8.40
N THR D 618 8.78 0.09 -7.23
CA THR D 618 8.73 1.49 -6.84
C THR D 618 10.13 2.07 -6.68
N ALA D 619 11.04 1.31 -6.05
CA ALA D 619 12.40 1.78 -5.86
C ALA D 619 13.11 1.97 -7.21
N ASN D 620 12.95 1.01 -8.13
CA ASN D 620 13.61 1.13 -9.42
C ASN D 620 13.05 2.29 -10.23
N LEU D 621 11.73 2.50 -10.17
CA LEU D 621 11.14 3.64 -10.87
C LEU D 621 11.63 4.96 -10.29
N ALA D 622 11.75 5.04 -8.96
CA ALA D 622 12.29 6.25 -8.34
C ALA D 622 13.74 6.48 -8.78
N ALA D 623 14.53 5.41 -8.84
CA ALA D 623 15.91 5.55 -9.30
C ALA D 623 15.97 6.01 -10.75
N PHE D 624 15.07 5.48 -11.59
CA PHE D 624 15.01 5.91 -12.99
C PHE D 624 14.66 7.39 -13.10
N LEU D 625 13.68 7.84 -12.32
CA LEU D 625 13.22 9.22 -12.43
C LEU D 625 14.20 10.22 -11.80
N THR D 626 14.97 9.79 -10.80
CA THR D 626 15.88 10.72 -10.13
C THR D 626 17.13 10.99 -10.98
N VAL D 627 17.79 9.95 -11.43
CA VAL D 627 19.03 10.07 -12.21
C VAL D 627 18.69 9.80 -13.67
N GLU D 628 19.04 10.74 -14.54
CA GLU D 628 18.78 10.62 -15.97
C GLU D 628 20.05 10.25 -16.70
N ARG D 629 20.00 9.16 -17.47
CA ARG D 629 21.13 8.68 -18.24
C ARG D 629 20.68 8.39 -19.66
N MET D 630 21.51 8.77 -20.63
CA MET D 630 21.19 8.56 -22.04
C MET D 630 22.14 7.55 -22.67
N THR D 785 14.58 17.64 -12.42
CA THR D 785 13.43 16.79 -12.73
C THR D 785 12.17 17.63 -12.85
N SER D 786 11.38 17.36 -13.88
CA SER D 786 10.13 18.06 -14.14
C SER D 786 8.95 17.14 -13.85
N ALA D 787 7.75 17.70 -13.96
CA ALA D 787 6.54 16.94 -13.69
C ALA D 787 6.38 15.81 -14.70
N LEU D 788 5.83 14.69 -14.25
CA LEU D 788 5.63 13.55 -15.12
C LEU D 788 4.58 13.87 -16.18
N SER D 789 4.94 13.71 -17.45
CA SER D 789 4.02 13.98 -18.54
C SER D 789 3.06 12.81 -18.72
N LEU D 790 1.94 13.10 -19.41
CA LEU D 790 0.94 12.07 -19.66
C LEU D 790 1.45 11.01 -20.63
N SER D 791 2.41 11.36 -21.50
CA SER D 791 2.95 10.41 -22.45
C SER D 791 3.64 9.23 -21.77
N ASN D 792 4.12 9.41 -20.53
CA ASN D 792 4.78 8.32 -19.83
C ASN D 792 3.79 7.23 -19.41
N VAL D 793 2.55 7.60 -19.07
CA VAL D 793 1.57 6.65 -18.59
C VAL D 793 0.38 6.52 -19.57
N ALA D 794 0.57 6.93 -20.82
CA ALA D 794 -0.50 6.79 -21.80
C ALA D 794 -0.83 5.33 -22.08
N GLY D 795 0.19 4.46 -22.07
CA GLY D 795 -0.04 3.05 -22.27
C GLY D 795 -0.94 2.44 -21.21
N VAL D 796 -0.86 2.94 -19.98
CA VAL D 796 -1.74 2.44 -18.92
C VAL D 796 -3.19 2.77 -19.25
N PHE D 797 -3.45 3.99 -19.73
CA PHE D 797 -4.80 4.35 -20.13
C PHE D 797 -5.28 3.52 -21.32
N TYR D 798 -4.39 3.28 -22.29
CA TYR D 798 -4.77 2.41 -23.42
C TYR D 798 -5.12 1.02 -22.94
N ILE D 799 -4.33 0.47 -22.02
CA ILE D 799 -4.59 -0.86 -21.47
C ILE D 799 -5.91 -0.88 -20.72
N LEU D 800 -6.19 0.18 -19.95
CA LEU D 800 -7.45 0.26 -19.21
C LEU D 800 -8.65 0.28 -20.16
N VAL D 801 -8.57 1.08 -21.23
CA VAL D 801 -9.68 1.14 -22.18
C VAL D 801 -9.85 -0.20 -22.90
N GLY D 802 -8.74 -0.83 -23.28
CA GLY D 802 -8.84 -2.14 -23.90
C GLY D 802 -9.47 -3.16 -22.97
N GLY D 803 -9.12 -3.11 -21.69
CA GLY D 803 -9.74 -4.00 -20.72
C GLY D 803 -11.23 -3.75 -20.57
N LEU D 804 -11.63 -2.49 -20.54
CA LEU D 804 -13.06 -2.17 -20.46
C LEU D 804 -13.81 -2.68 -21.68
N GLY D 805 -13.24 -2.48 -22.87
CA GLY D 805 -13.87 -2.98 -24.08
C GLY D 805 -13.98 -4.49 -24.11
N LEU D 806 -12.90 -5.18 -23.72
CA LEU D 806 -12.94 -6.63 -23.67
C LEU D 806 -13.95 -7.12 -22.64
N ALA D 807 -14.06 -6.43 -21.51
CA ALA D 807 -15.04 -6.80 -20.50
C ALA D 807 -16.46 -6.62 -21.01
N MET D 808 -16.72 -5.53 -21.73
CA MET D 808 -18.04 -5.34 -22.32
C MET D 808 -18.34 -6.44 -23.34
N LEU D 809 -17.35 -6.80 -24.16
CA LEU D 809 -17.56 -7.87 -25.14
C LEU D 809 -17.85 -9.20 -24.45
N VAL D 810 -17.12 -9.50 -23.37
CA VAL D 810 -17.34 -10.75 -22.64
C VAL D 810 -18.73 -10.75 -22.00
N ALA D 811 -19.14 -9.60 -21.44
CA ALA D 811 -20.47 -9.51 -20.86
C ALA D 811 -21.55 -9.73 -21.91
N LEU D 812 -21.38 -9.14 -23.10
CA LEU D 812 -22.35 -9.36 -24.17
C LEU D 812 -22.39 -10.82 -24.59
N ILE D 813 -21.22 -11.46 -24.70
CA ILE D 813 -21.17 -12.87 -25.10
C ILE D 813 -21.87 -13.73 -24.07
N GLU D 814 -21.60 -13.48 -22.79
CA GLU D 814 -22.26 -14.23 -21.73
C GLU D 814 -23.76 -14.02 -21.74
N PHE D 815 -24.20 -12.78 -22.00
CA PHE D 815 -25.63 -12.50 -22.02
C PHE D 815 -26.32 -13.26 -23.15
N CYS D 816 -25.73 -13.26 -24.35
CA CYS D 816 -26.39 -13.94 -25.45
C CYS D 816 -26.31 -15.46 -25.30
N TYR D 817 -25.27 -15.96 -24.62
CA TYR D 817 -25.17 -17.40 -24.40
C TYR D 817 -26.11 -17.88 -23.30
N LYS D 818 -26.41 -17.03 -22.31
CA LYS D 818 -27.23 -17.47 -21.18
C LYS D 818 -28.63 -17.86 -21.63
N SER D 819 -29.22 -17.09 -22.55
CA SER D 819 -30.56 -17.44 -23.04
C SER D 819 -30.56 -18.77 -23.76
N ARG D 820 -29.55 -19.03 -24.57
CA ARG D 820 -29.44 -20.29 -25.30
C ARG D 820 -28.94 -21.41 -24.40
N SER E 6 -40.92 8.30 -14.30
CA SER E 6 -40.19 7.76 -15.43
C SER E 6 -40.06 8.79 -16.56
N ARG E 7 -41.07 9.65 -16.67
CA ARG E 7 -41.05 10.69 -17.70
C ARG E 7 -39.92 11.68 -17.43
N ALA E 8 -39.68 12.03 -16.16
CA ALA E 8 -38.59 12.93 -15.83
C ALA E 8 -37.24 12.32 -16.20
N LEU E 9 -37.06 11.03 -15.93
CA LEU E 9 -35.82 10.35 -16.31
C LEU E 9 -35.63 10.36 -17.83
N THR E 10 -36.69 10.11 -18.58
CA THR E 10 -36.61 10.15 -20.03
C THR E 10 -36.23 11.55 -20.53
N LEU E 11 -36.86 12.58 -19.96
CA LEU E 11 -36.55 13.94 -20.36
C LEU E 11 -35.09 14.29 -20.04
N LEU E 12 -34.61 13.89 -18.86
CA LEU E 12 -33.23 14.16 -18.49
C LEU E 12 -32.26 13.42 -19.39
N SER E 13 -32.55 12.16 -19.72
CA SER E 13 -31.65 11.40 -20.60
C SER E 13 -31.59 12.01 -21.99
N SER E 14 -32.75 12.39 -22.54
CA SER E 14 -32.76 13.03 -23.85
C SER E 14 -32.04 14.38 -23.82
N VAL E 15 -32.24 15.15 -22.76
CA VAL E 15 -31.57 16.44 -22.64
C VAL E 15 -30.06 16.25 -22.59
N PHE E 16 -29.59 15.30 -21.78
CA PHE E 16 -28.16 15.06 -21.68
C PHE E 16 -27.58 14.57 -23.00
N GLY E 17 -28.32 13.72 -23.72
CA GLY E 17 -27.86 13.32 -25.04
C GLY E 17 -27.75 14.49 -26.01
N ALA E 18 -28.74 15.38 -26.00
CA ALA E 18 -28.70 16.55 -26.85
C ALA E 18 -27.51 17.46 -26.51
N CYS E 19 -27.28 17.68 -25.22
CA CYS E 19 -26.16 18.52 -24.81
C CYS E 19 -24.82 17.89 -25.20
N GLY E 20 -24.68 16.57 -25.03
CA GLY E 20 -23.45 15.91 -25.45
C GLY E 20 -23.23 16.02 -26.95
N LEU E 21 -24.28 15.80 -27.73
CA LEU E 21 -24.16 15.93 -29.18
C LEU E 21 -23.76 17.35 -29.58
N LEU E 22 -24.38 18.35 -28.98
CA LEU E 22 -24.02 19.74 -29.30
C LEU E 22 -22.59 20.06 -28.88
N LEU E 23 -22.20 19.62 -27.68
CA LEU E 23 -20.88 19.93 -27.15
C LEU E 23 -19.77 19.25 -27.94
N VAL E 24 -20.05 18.12 -28.59
CA VAL E 24 -19.05 17.50 -29.45
C VAL E 24 -19.08 18.07 -30.86
N GLY E 25 -20.27 18.36 -31.39
CA GLY E 25 -20.34 18.98 -32.71
C GLY E 25 -19.66 20.33 -32.75
N ILE E 26 -19.90 21.17 -31.73
CA ILE E 26 -19.24 22.46 -31.68
C ILE E 26 -17.73 22.28 -31.50
N ALA E 27 -17.32 21.34 -30.65
CA ALA E 27 -15.89 21.14 -30.41
C ALA E 27 -15.17 20.71 -31.68
N VAL E 28 -15.80 19.83 -32.46
CA VAL E 28 -15.19 19.39 -33.72
C VAL E 28 -15.21 20.53 -34.73
N SER E 29 -16.30 21.28 -34.81
CA SER E 29 -16.45 22.30 -35.82
C SER E 29 -15.60 23.54 -35.57
N THR E 30 -15.19 23.78 -34.33
CA THR E 30 -14.41 24.97 -34.00
C THR E 30 -12.91 24.69 -34.17
N ASP E 31 -12.13 25.76 -34.11
CA ASP E 31 -10.70 25.72 -34.41
C ASP E 31 -9.91 26.45 -33.32
N TYR E 32 -10.20 26.15 -32.06
CA TYR E 32 -9.51 26.74 -30.92
C TYR E 32 -9.06 25.68 -29.94
N TRP E 33 -8.43 24.61 -30.47
CA TRP E 33 -7.98 23.54 -29.59
C TRP E 33 -6.74 23.94 -28.80
N LEU E 34 -5.77 24.60 -29.43
CA LEU E 34 -4.59 24.99 -28.66
C LEU E 34 -3.93 26.21 -29.30
N TYR E 35 -3.48 27.13 -28.46
CA TYR E 35 -2.72 28.30 -28.89
C TYR E 35 -1.24 28.07 -28.58
N MET E 36 -0.39 28.29 -29.57
CA MET E 36 1.05 28.16 -29.39
C MET E 36 1.74 29.40 -29.92
N GLU E 37 2.75 29.86 -29.18
CA GLU E 37 3.48 31.07 -29.54
C GLU E 37 4.98 30.83 -29.42
N GLU E 38 5.75 31.38 -30.36
CA GLU E 38 7.20 31.31 -30.30
C GLU E 38 7.80 32.69 -30.58
N GLY E 39 8.95 32.94 -29.98
CA GLY E 39 9.66 34.18 -30.17
C GLY E 39 11.00 34.15 -29.48
N THR E 40 11.76 35.21 -29.67
CA THR E 40 13.09 35.35 -29.10
C THR E 40 13.06 36.31 -27.93
N VAL E 41 13.68 35.91 -26.82
CA VAL E 41 13.73 36.74 -25.62
C VAL E 41 15.13 37.34 -25.46
N VAL E 50 7.77 38.52 -29.89
CA VAL E 50 7.02 37.37 -30.36
C VAL E 50 7.18 37.20 -31.86
N LYS E 51 7.91 36.16 -32.26
CA LYS E 51 8.06 35.88 -33.69
C LYS E 51 6.72 35.54 -34.32
N MET E 52 5.94 34.67 -33.68
CA MET E 52 4.59 34.40 -34.15
C MET E 52 3.78 33.79 -33.03
N ALA E 53 2.46 33.87 -33.18
CA ALA E 53 1.52 33.32 -32.21
C ALA E 53 0.26 32.91 -32.95
N LEU E 54 -0.18 31.67 -32.75
CA LEU E 54 -1.25 31.11 -33.57
C LEU E 54 -2.13 30.22 -32.72
N HIS E 55 -3.34 29.97 -33.22
CA HIS E 55 -4.24 29.00 -32.63
C HIS E 55 -4.57 27.94 -33.68
N ALA E 56 -4.57 26.68 -33.24
CA ALA E 56 -4.78 25.54 -34.11
C ALA E 56 -5.93 24.71 -33.58
N GLY E 57 -6.82 24.30 -34.49
CA GLY E 57 -7.92 23.43 -34.17
C GLY E 57 -7.65 22.00 -34.59
N LEU E 58 -8.67 21.39 -35.18
CA LEU E 58 -8.55 19.99 -35.57
C LEU E 58 -8.21 19.81 -37.05
N TRP E 59 -8.60 20.76 -37.91
CA TRP E 59 -8.37 20.59 -39.35
C TRP E 59 -7.71 21.81 -39.98
N ARG E 60 -7.91 22.99 -39.40
CA ARG E 60 -7.35 24.23 -39.94
C ARG E 60 -6.66 24.99 -38.83
N VAL E 61 -5.62 25.75 -39.18
CA VAL E 61 -4.86 26.55 -38.24
C VAL E 61 -4.94 28.01 -38.69
N CYS E 62 -5.05 28.92 -37.73
CA CYS E 62 -5.10 30.34 -38.05
C CYS E 62 -4.05 31.10 -37.23
N PHE E 63 -3.37 32.03 -37.89
CA PHE E 63 -2.35 32.86 -37.25
C PHE E 63 -2.97 34.18 -36.84
N PHE E 64 -2.92 34.49 -35.54
CA PHE E 64 -3.37 35.79 -35.06
C PHE E 64 -2.21 36.70 -34.67
N ALA E 65 -0.98 36.28 -34.92
CA ALA E 65 0.18 37.16 -34.76
C ALA E 65 1.28 36.66 -35.68
N GLY E 66 2.27 37.52 -35.91
CA GLY E 66 3.41 37.16 -36.74
C GLY E 66 3.38 37.84 -38.09
N ARG E 67 4.33 37.42 -38.93
CA ARG E 67 4.48 38.01 -40.26
C ARG E 67 3.26 37.71 -41.13
N GLU E 68 2.71 36.50 -41.03
CA GLU E 68 1.57 36.07 -41.84
C GLU E 68 0.27 36.16 -41.07
N LYS E 69 0.12 37.17 -40.22
CA LYS E 69 -1.08 37.31 -39.40
C LYS E 69 -2.32 37.50 -40.28
N GLY E 70 -3.42 36.87 -39.89
CA GLY E 70 -4.66 36.98 -40.61
C GLY E 70 -4.90 35.92 -41.66
N ARG E 71 -3.94 35.04 -41.91
CA ARG E 71 -4.07 33.97 -42.89
C ARG E 71 -4.30 32.64 -42.18
N CYS E 72 -5.39 31.96 -42.56
CA CYS E 72 -5.69 30.63 -42.06
C CYS E 72 -5.18 29.61 -43.07
N VAL E 73 -4.31 28.72 -42.62
CA VAL E 73 -3.68 27.70 -43.44
C VAL E 73 -4.29 26.35 -43.08
N ALA E 74 -4.66 25.58 -44.11
CA ALA E 74 -5.03 24.19 -43.89
C ALA E 74 -3.79 23.36 -43.56
N SER E 75 -4.00 22.30 -42.78
CA SER E 75 -2.88 21.46 -42.35
C SER E 75 -2.13 20.90 -43.56
N GLU E 76 -0.88 21.31 -43.70
CA GLU E 76 -0.06 20.89 -44.84
C GLU E 76 0.97 19.85 -44.42
N LEU E 85 7.87 29.01 -42.70
CA LEU E 85 6.99 29.90 -41.95
C LEU E 85 6.86 29.41 -40.50
N VAL E 86 7.55 28.32 -40.19
CA VAL E 86 7.42 27.67 -38.89
C VAL E 86 8.60 26.75 -38.69
N THR E 87 9.05 26.62 -37.44
CA THR E 87 10.11 25.68 -37.11
C THR E 87 9.60 24.25 -37.26
N GLU E 88 10.54 23.31 -37.42
CA GLU E 88 10.18 21.93 -37.71
C GLU E 88 9.40 21.28 -36.56
N ASN E 89 9.67 21.69 -35.31
CA ASN E 89 9.02 21.04 -34.17
C ASN E 89 7.53 21.29 -34.16
N THR E 90 7.12 22.55 -34.32
CA THR E 90 5.70 22.89 -34.36
C THR E 90 5.01 22.24 -35.56
N GLU E 91 5.72 22.11 -36.68
CA GLU E 91 5.14 21.47 -37.85
C GLU E 91 4.95 19.97 -37.61
N ASN E 92 5.88 19.35 -36.88
CA ASN E 92 5.68 17.96 -36.46
C ASN E 92 4.50 17.83 -35.51
N ILE E 93 4.29 18.83 -34.65
CA ILE E 93 3.11 18.84 -33.80
C ILE E 93 1.84 18.89 -34.65
N LEU E 94 1.87 19.73 -35.69
CA LEU E 94 0.73 19.82 -36.61
C LEU E 94 0.47 18.49 -37.31
N LYS E 95 1.54 17.78 -37.68
CA LYS E 95 1.35 16.42 -38.20
C LYS E 95 0.72 15.50 -37.16
N THR E 96 1.25 15.52 -35.93
CA THR E 96 0.83 14.54 -34.94
C THR E 96 -0.61 14.73 -34.49
N VAL E 97 -1.17 15.92 -34.64
CA VAL E 97 -2.60 16.09 -34.36
C VAL E 97 -3.44 15.27 -35.34
N ARG E 98 -2.99 15.17 -36.59
CA ARG E 98 -3.72 14.41 -37.59
C ARG E 98 -3.82 12.93 -37.25
N THR E 99 -2.89 12.40 -36.45
CA THR E 99 -2.98 11.00 -36.05
C THR E 99 -4.13 10.76 -35.09
N ALA E 100 -4.43 11.72 -34.21
CA ALA E 100 -5.52 11.61 -33.25
C ALA E 100 -6.82 12.17 -33.79
N THR E 101 -6.80 12.75 -34.99
CA THR E 101 -8.05 13.21 -35.61
C THR E 101 -9.21 12.22 -35.63
N PRO E 102 -9.04 10.93 -35.99
CA PRO E 102 -10.23 10.08 -36.21
C PRO E 102 -11.15 9.89 -35.01
N PHE E 103 -10.60 9.84 -33.79
CA PHE E 103 -11.40 9.49 -32.63
C PHE E 103 -12.52 10.49 -32.31
N PRO E 104 -12.30 11.81 -32.36
CA PRO E 104 -13.45 12.72 -32.17
C PRO E 104 -14.56 12.50 -33.19
N MET E 105 -14.23 12.21 -34.46
CA MET E 105 -15.27 11.92 -35.44
C MET E 105 -16.01 10.63 -35.08
N VAL E 106 -15.28 9.61 -34.64
CA VAL E 106 -15.92 8.36 -34.26
C VAL E 106 -16.88 8.58 -33.09
N SER E 107 -16.44 9.35 -32.09
CA SER E 107 -17.30 9.62 -30.94
C SER E 107 -18.50 10.45 -31.33
N LEU E 108 -18.32 11.42 -32.23
CA LEU E 108 -19.45 12.21 -32.71
C LEU E 108 -20.48 11.34 -33.41
N PHE E 109 -20.02 10.42 -34.28
CA PHE E 109 -20.95 9.53 -34.95
C PHE E 109 -21.68 8.64 -33.96
N LEU E 110 -20.96 8.10 -32.97
CA LEU E 110 -21.58 7.24 -31.99
C LEU E 110 -22.63 7.98 -31.17
N VAL E 111 -22.31 9.20 -30.73
CA VAL E 111 -23.27 9.95 -29.92
C VAL E 111 -24.45 10.41 -30.75
N PHE E 112 -24.25 10.72 -32.04
CA PHE E 112 -25.39 11.06 -32.90
C PHE E 112 -26.31 9.87 -33.07
N THR E 113 -25.75 8.67 -33.29
CA THR E 113 -26.58 7.48 -33.39
C THR E 113 -27.32 7.21 -32.08
N ALA E 114 -26.65 7.40 -30.95
CA ALA E 114 -27.31 7.23 -29.66
C ALA E 114 -28.44 8.23 -29.49
N PHE E 115 -28.22 9.48 -29.89
CA PHE E 115 -29.26 10.50 -29.78
C PHE E 115 -30.49 10.15 -30.61
N VAL E 116 -30.27 9.77 -31.88
CA VAL E 116 -31.42 9.48 -32.73
C VAL E 116 -32.15 8.23 -32.25
N ILE E 117 -31.40 7.21 -31.80
CA ILE E 117 -32.05 5.99 -31.35
C ILE E 117 -32.82 6.25 -30.05
N SER E 118 -32.28 7.09 -29.16
CA SER E 118 -33.00 7.39 -27.92
C SER E 118 -34.25 8.20 -28.19
N ASN E 119 -34.17 9.17 -29.10
CA ASN E 119 -35.37 9.94 -29.45
C ASN E 119 -36.43 9.05 -30.08
N ILE E 120 -36.03 8.12 -30.94
CA ILE E 120 -36.97 7.17 -31.50
C ILE E 120 -37.54 6.28 -30.41
N GLY E 121 -36.76 5.97 -29.39
CA GLY E 121 -37.29 5.22 -28.26
C GLY E 121 -38.34 5.98 -27.47
N HIS E 122 -38.08 7.26 -27.19
CA HIS E 122 -39.06 8.05 -26.45
C HIS E 122 -40.33 8.25 -27.25
N ILE E 123 -40.22 8.50 -28.55
CA ILE E 123 -41.41 8.74 -29.36
C ILE E 123 -42.24 7.46 -29.52
N ARG E 124 -41.65 6.29 -29.25
CA ARG E 124 -42.35 5.02 -29.32
C ARG E 124 -42.15 4.27 -28.00
N PRO E 125 -42.93 4.61 -26.97
CA PRO E 125 -42.76 3.94 -25.67
C PRO E 125 -43.06 2.45 -25.71
N GLN E 126 -43.81 1.97 -26.70
CA GLN E 126 -44.14 0.55 -26.77
C GLN E 126 -42.89 -0.31 -26.96
N ARG E 127 -41.88 0.21 -27.65
CA ARG E 127 -40.64 -0.50 -27.91
C ARG E 127 -39.63 -0.09 -26.85
N THR E 128 -39.17 -1.06 -26.04
CA THR E 128 -38.37 -0.76 -24.86
C THR E 128 -36.88 -1.02 -25.03
N ILE E 129 -36.48 -1.82 -26.02
CA ILE E 129 -35.09 -2.17 -26.19
C ILE E 129 -34.23 -1.01 -26.66
N LEU E 130 -34.85 0.09 -27.10
CA LEU E 130 -34.08 1.21 -27.65
C LEU E 130 -33.25 1.90 -26.58
N ALA E 131 -33.74 1.97 -25.35
CA ALA E 131 -33.00 2.67 -24.29
C ALA E 131 -31.68 1.96 -23.98
N PHE E 132 -31.68 0.63 -23.98
CA PHE E 132 -30.45 -0.10 -23.68
C PHE E 132 -29.38 0.16 -24.72
N VAL E 133 -29.75 0.07 -26.00
CA VAL E 133 -28.76 0.31 -27.06
C VAL E 133 -28.33 1.78 -27.07
N SER E 134 -29.23 2.69 -26.71
CA SER E 134 -28.84 4.10 -26.58
C SER E 134 -27.78 4.26 -25.49
N GLY E 135 -27.99 3.62 -24.34
CA GLY E 135 -27.01 3.70 -23.28
C GLY E 135 -25.67 3.08 -23.67
N ILE E 136 -25.71 1.93 -24.34
CA ILE E 136 -24.48 1.29 -24.79
C ILE E 136 -23.72 2.20 -25.73
N PHE E 137 -24.43 2.81 -26.70
CA PHE E 137 -23.79 3.70 -27.66
C PHE E 137 -23.22 4.93 -26.98
N PHE E 138 -23.96 5.50 -26.01
CA PHE E 138 -23.44 6.66 -25.28
C PHE E 138 -22.17 6.31 -24.52
N ILE E 139 -22.13 5.15 -23.87
CA ILE E 139 -20.97 4.78 -23.08
C ILE E 139 -19.77 4.50 -23.98
N LEU E 140 -20.00 3.84 -25.11
CA LEU E 140 -18.92 3.61 -26.06
C LEU E 140 -18.40 4.93 -26.62
N SER E 141 -19.30 5.88 -26.89
CA SER E 141 -18.88 7.19 -27.36
C SER E 141 -18.04 7.91 -26.31
N GLY E 142 -18.43 7.81 -25.04
CA GLY E 142 -17.62 8.42 -23.99
C GLY E 142 -16.23 7.81 -23.88
N LEU E 143 -16.15 6.48 -23.96
CA LEU E 143 -14.84 5.82 -23.93
C LEU E 143 -14.00 6.23 -25.12
N SER E 144 -14.61 6.31 -26.31
CA SER E 144 -13.89 6.73 -27.51
C SER E 144 -13.38 8.16 -27.36
N LEU E 145 -14.19 9.05 -26.79
CA LEU E 145 -13.77 10.42 -26.58
C LEU E 145 -12.60 10.48 -25.60
N VAL E 146 -12.64 9.67 -24.53
CA VAL E 146 -11.52 9.63 -23.60
C VAL E 146 -10.26 9.16 -24.31
N VAL E 147 -10.38 8.13 -25.14
CA VAL E 147 -9.22 7.64 -25.89
C VAL E 147 -8.67 8.72 -26.80
N GLY E 148 -9.55 9.44 -27.50
CA GLY E 148 -9.10 10.49 -28.38
C GLY E 148 -8.38 11.61 -27.66
N LEU E 149 -8.93 12.05 -26.52
CA LEU E 149 -8.28 13.09 -25.75
C LEU E 149 -6.92 12.63 -25.22
N VAL E 150 -6.86 11.40 -24.72
CA VAL E 150 -5.59 10.88 -24.19
C VAL E 150 -4.54 10.80 -25.31
N LEU E 151 -4.94 10.29 -26.47
CA LEU E 151 -4.00 10.18 -27.59
C LEU E 151 -3.55 11.56 -28.06
N TYR E 152 -4.46 12.52 -28.12
CA TYR E 152 -4.11 13.87 -28.55
C TYR E 152 -3.09 14.49 -27.60
N ILE E 153 -3.37 14.43 -26.29
CA ILE E 153 -2.46 15.03 -25.32
C ILE E 153 -1.12 14.30 -25.34
N SER E 154 -1.14 12.97 -25.46
CA SER E 154 0.11 12.21 -25.48
C SER E 154 0.94 12.59 -26.70
N SER E 155 0.31 12.73 -27.86
CA SER E 155 1.05 13.12 -29.06
C SER E 155 1.65 14.52 -28.89
N ILE E 156 0.87 15.46 -28.36
CA ILE E 156 1.37 16.81 -28.18
C ILE E 156 2.57 16.83 -27.22
N ASN E 157 2.44 16.14 -26.09
CA ASN E 157 3.52 16.11 -25.10
C ASN E 157 4.76 15.41 -25.64
N ASP E 158 4.58 14.28 -26.33
CA ASP E 158 5.73 13.58 -26.90
C ASP E 158 6.42 14.41 -27.96
N GLU E 159 5.67 15.22 -28.70
CA GLU E 159 6.28 16.07 -29.71
C GLU E 159 7.05 17.22 -29.08
N VAL E 160 6.49 17.85 -28.03
CA VAL E 160 7.19 18.99 -27.45
C VAL E 160 8.41 18.51 -26.65
N MET E 161 8.37 17.29 -26.12
CA MET E 161 9.50 16.79 -25.33
C MET E 161 10.78 16.70 -26.16
N ASN E 162 10.66 16.61 -27.48
CA ASN E 162 11.81 16.52 -28.36
C ASN E 162 12.29 17.87 -28.86
N ARG E 163 11.64 18.96 -28.44
CA ARG E 163 11.99 20.28 -28.95
C ARG E 163 13.42 20.64 -28.58
N PRO E 164 14.18 21.28 -29.48
CA PRO E 164 15.57 21.66 -29.25
C PRO E 164 15.71 22.97 -28.48
N GLN E 169 14.85 31.87 -27.35
CA GLN E 169 13.66 31.24 -27.90
C GLN E 169 12.77 30.68 -26.79
N TYR E 170 11.49 31.06 -26.80
CA TYR E 170 10.53 30.57 -25.83
C TYR E 170 9.34 29.95 -26.56
N PHE E 171 8.85 28.83 -26.04
CA PHE E 171 7.72 28.11 -26.63
C PHE E 171 6.68 27.90 -25.55
N HIS E 172 5.48 28.45 -25.76
CA HIS E 172 4.39 28.30 -24.80
C HIS E 172 3.12 27.90 -25.54
N TYR E 173 2.45 26.87 -25.02
CA TYR E 173 1.20 26.37 -25.58
C TYR E 173 0.16 26.27 -24.47
N ARG E 174 -1.10 26.53 -24.84
CA ARG E 174 -2.20 26.58 -23.89
C ARG E 174 -3.46 26.04 -24.56
N TYR E 175 -4.17 25.17 -23.87
CA TYR E 175 -5.40 24.60 -24.42
C TYR E 175 -6.51 25.64 -24.46
N GLY E 176 -7.45 25.44 -25.39
CA GLY E 176 -8.54 26.35 -25.59
C GLY E 176 -9.86 25.84 -25.03
N TRP E 177 -10.94 26.54 -25.41
CA TRP E 177 -12.26 26.21 -24.89
C TRP E 177 -12.91 25.03 -25.61
N SER E 178 -12.47 24.69 -26.82
CA SER E 178 -12.97 23.50 -27.48
C SER E 178 -12.60 22.24 -26.71
N PHE E 179 -11.38 22.22 -26.16
CA PHE E 179 -10.96 21.09 -25.35
C PHE E 179 -11.83 20.95 -24.10
N ALA E 180 -12.15 22.08 -23.47
CA ALA E 180 -13.05 22.04 -22.31
C ALA E 180 -14.44 21.56 -22.71
N PHE E 181 -14.90 21.96 -23.89
CA PHE E 181 -16.17 21.46 -24.41
C PHE E 181 -16.15 19.95 -24.55
N ALA E 182 -15.06 19.40 -25.10
CA ALA E 182 -14.95 17.95 -25.22
C ALA E 182 -14.91 17.27 -23.86
N ALA E 183 -14.17 17.86 -22.91
CA ALA E 183 -14.07 17.27 -21.58
C ALA E 183 -15.43 17.24 -20.88
N SER E 184 -16.21 18.32 -21.00
CA SER E 184 -17.54 18.34 -20.41
C SER E 184 -18.49 17.40 -21.14
N SER E 185 -18.34 17.28 -22.46
CA SER E 185 -19.21 16.42 -23.23
C SER E 185 -19.00 14.96 -22.90
N PHE E 186 -17.79 14.56 -22.53
CA PHE E 186 -17.58 13.19 -22.06
C PHE E 186 -18.45 12.89 -20.84
N LEU E 187 -18.42 13.79 -19.85
CA LEU E 187 -19.22 13.59 -18.65
C LEU E 187 -20.71 13.60 -18.98
N LEU E 188 -21.12 14.49 -19.88
CA LEU E 188 -22.51 14.53 -20.29
C LEU E 188 -22.94 13.22 -20.95
N LYS E 189 -22.09 12.66 -21.82
CA LYS E 189 -22.39 11.39 -22.45
C LYS E 189 -22.54 10.28 -21.43
N GLU E 190 -21.63 10.21 -20.46
CA GLU E 190 -21.68 9.10 -19.52
C GLU E 190 -22.87 9.23 -18.57
N GLY E 191 -23.20 10.46 -18.19
CA GLY E 191 -24.43 10.67 -17.43
C GLY E 191 -25.66 10.25 -18.21
N ALA E 192 -25.71 10.60 -19.50
CA ALA E 192 -26.82 10.19 -20.34
C ALA E 192 -26.89 8.67 -20.45
N GLY E 193 -25.74 8.02 -20.53
CA GLY E 193 -25.72 6.56 -20.59
C GLY E 193 -26.26 5.91 -19.33
N VAL E 194 -25.86 6.43 -18.17
CA VAL E 194 -26.39 5.91 -16.91
C VAL E 194 -27.90 6.11 -16.84
N MET E 195 -28.35 7.31 -17.22
CA MET E 195 -29.79 7.57 -17.21
C MET E 195 -30.54 6.66 -18.17
N SER E 196 -29.96 6.38 -19.34
CA SER E 196 -30.61 5.51 -20.30
C SER E 196 -30.68 4.07 -19.78
N VAL E 197 -29.62 3.61 -19.12
CA VAL E 197 -29.65 2.26 -18.54
C VAL E 197 -30.73 2.15 -17.47
N TYR E 198 -30.82 3.17 -16.59
CA TYR E 198 -31.86 3.15 -15.58
C TYR E 198 -33.24 3.24 -16.20
N LEU E 199 -33.39 4.03 -17.27
CA LEU E 199 -34.67 4.13 -17.97
C LEU E 199 -35.07 2.79 -18.56
N PHE E 200 -34.12 2.06 -19.16
CA PHE E 200 -34.45 0.74 -19.71
C PHE E 200 -34.83 -0.23 -18.61
N THR E 201 -34.13 -0.17 -17.47
CA THR E 201 -34.47 -1.04 -16.35
C THR E 201 -35.88 -0.76 -15.86
N LYS E 202 -36.23 0.51 -15.72
CA LYS E 202 -37.58 0.87 -15.29
C LYS E 202 -38.62 0.45 -16.33
N ARG E 203 -38.30 0.61 -17.61
CA ARG E 203 -39.23 0.23 -18.66
C ARG E 203 -39.50 -1.28 -18.65
N TYR E 204 -38.45 -2.08 -18.47
CA TYR E 204 -38.64 -3.52 -18.37
C TYR E 204 -39.42 -3.88 -17.12
N ALA E 205 -39.16 -3.19 -16.00
CA ALA E 205 -39.95 -3.39 -14.80
C ALA E 205 -41.39 -2.94 -14.98
N GLU E 206 -41.68 -2.12 -15.99
CA GLU E 206 -43.03 -1.63 -16.24
C GLU E 206 -43.60 -2.27 -17.50
N SER F 6 -4.98 -33.63 28.16
CA SER F 6 -4.61 -32.47 28.96
C SER F 6 -3.27 -32.68 29.65
N ARG F 7 -2.97 -33.94 29.99
CA ARG F 7 -1.68 -34.26 30.61
C ARG F 7 -0.53 -33.97 29.66
N ALA F 8 -0.70 -34.28 28.38
CA ALA F 8 0.34 -33.99 27.40
C ALA F 8 0.59 -32.49 27.29
N LEU F 9 -0.47 -31.69 27.29
CA LEU F 9 -0.30 -30.24 27.23
C LEU F 9 0.45 -29.72 28.44
N THR F 10 0.12 -30.26 29.63
CA THR F 10 0.84 -29.87 30.83
C THR F 10 2.32 -30.27 30.75
N LEU F 11 2.60 -31.47 30.24
CA LEU F 11 3.98 -31.93 30.13
C LEU F 11 4.78 -31.04 29.18
N LEU F 12 4.21 -30.74 28.01
CA LEU F 12 4.92 -29.85 27.07
C LEU F 12 5.07 -28.44 27.60
N SER F 13 4.07 -27.93 28.33
CA SER F 13 4.20 -26.58 28.88
C SER F 13 5.31 -26.52 29.92
N SER F 14 5.36 -27.51 30.82
CA SER F 14 6.43 -27.53 31.80
C SER F 14 7.79 -27.74 31.15
N VAL F 15 7.86 -28.59 30.11
CA VAL F 15 9.11 -28.81 29.41
C VAL F 15 9.60 -27.52 28.75
N PHE F 16 8.69 -26.80 28.09
CA PHE F 16 9.08 -25.56 27.43
C PHE F 16 9.53 -24.52 28.45
N GLY F 17 8.84 -24.45 29.60
CA GLY F 17 9.28 -23.56 30.65
C GLY F 17 10.68 -23.89 31.15
N ALA F 18 10.95 -25.18 31.36
CA ALA F 18 12.27 -25.60 31.81
C ALA F 18 13.35 -25.25 30.79
N CYS F 19 13.08 -25.51 29.50
CA CYS F 19 14.05 -25.18 28.47
C CYS F 19 14.28 -23.67 28.38
N GLY F 20 13.23 -22.87 28.48
CA GLY F 20 13.43 -21.43 28.48
C GLY F 20 14.26 -20.95 29.66
N LEU F 21 13.97 -21.48 30.85
CA LEU F 21 14.75 -21.11 32.03
C LEU F 21 16.21 -21.48 31.85
N LEU F 22 16.50 -22.69 31.36
CA LEU F 22 17.87 -23.11 31.16
C LEU F 22 18.56 -22.27 30.10
N LEU F 23 17.87 -22.00 28.99
CA LEU F 23 18.45 -21.24 27.89
C LEU F 23 18.73 -19.79 28.26
N VAL F 24 18.00 -19.23 29.21
CA VAL F 24 18.31 -17.87 29.67
C VAL F 24 19.36 -17.89 30.78
N GLY F 25 19.31 -18.86 31.69
CA GLY F 25 20.33 -18.95 32.71
C GLY F 25 21.71 -19.16 32.13
N ILE F 26 21.84 -20.07 31.15
CA ILE F 26 23.13 -20.28 30.51
C ILE F 26 23.57 -19.04 29.75
N ALA F 27 22.64 -18.39 29.04
CA ALA F 27 22.98 -17.20 28.27
C ALA F 27 23.49 -16.08 29.17
N VAL F 28 22.87 -15.90 30.34
CA VAL F 28 23.33 -14.88 31.27
C VAL F 28 24.66 -15.28 31.88
N SER F 29 24.81 -16.55 32.25
CA SER F 29 26.01 -17.01 32.96
C SER F 29 27.24 -17.09 32.06
N THR F 30 27.07 -17.20 30.75
CA THR F 30 28.21 -17.32 29.85
C THR F 30 28.70 -15.95 29.42
N ASP F 31 29.87 -15.94 28.77
CA ASP F 31 30.58 -14.72 28.41
C ASP F 31 31.03 -14.76 26.96
N TYR F 32 30.12 -15.13 26.06
CA TYR F 32 30.41 -15.19 24.62
C TYR F 32 29.33 -14.46 23.83
N TRP F 33 28.99 -13.24 24.27
CA TRP F 33 27.96 -12.48 23.57
C TRP F 33 28.46 -11.92 22.25
N LEU F 34 29.68 -11.37 22.22
CA LEU F 34 30.17 -10.84 20.96
C LEU F 34 31.70 -10.86 20.93
N TYR F 35 32.25 -11.21 19.78
CA TYR F 35 33.69 -11.17 19.54
C TYR F 35 34.01 -9.94 18.70
N MET F 36 34.98 -9.17 19.14
CA MET F 36 35.43 -7.98 18.40
C MET F 36 36.94 -8.02 18.26
N GLU F 37 37.43 -7.66 17.07
CA GLU F 37 38.86 -7.67 16.78
C GLU F 37 39.25 -6.38 16.10
N GLU F 38 40.42 -5.86 16.44
CA GLU F 38 40.98 -4.69 15.78
C GLU F 38 42.44 -4.92 15.44
N GLY F 39 42.87 -4.29 14.36
CA GLY F 39 44.25 -4.40 13.92
C GLY F 39 44.50 -3.47 12.75
N THR F 40 45.77 -3.43 12.32
CA THR F 40 46.20 -2.57 11.22
C THR F 40 46.44 -3.43 9.98
N VAL F 41 45.91 -2.97 8.85
CA VAL F 41 46.08 -3.69 7.59
C VAL F 41 47.08 -2.96 6.71
N VAL F 50 46.76 -8.39 13.45
CA VAL F 50 45.72 -8.22 14.46
C VAL F 50 46.31 -7.64 15.73
N LYS F 51 45.97 -6.38 16.02
CA LYS F 51 46.43 -5.76 17.26
C LYS F 51 45.86 -6.48 18.48
N MET F 52 44.56 -6.76 18.46
CA MET F 52 43.97 -7.57 19.52
C MET F 52 42.63 -8.13 19.04
N ALA F 53 42.19 -9.19 19.72
CA ALA F 53 40.92 -9.84 19.42
C ALA F 53 40.39 -10.44 20.71
N LEU F 54 39.12 -10.14 21.02
CA LEU F 54 38.58 -10.47 22.32
C LEU F 54 37.12 -10.88 22.16
N HIS F 55 36.62 -11.57 23.18
CA HIS F 55 35.21 -11.88 23.30
C HIS F 55 34.67 -11.29 24.59
N ALA F 56 33.49 -10.69 24.52
CA ALA F 56 32.87 -10.00 25.64
C ALA F 56 31.49 -10.58 25.88
N GLY F 57 31.18 -10.83 27.14
CA GLY F 57 29.87 -11.29 27.55
C GLY F 57 29.04 -10.17 28.14
N LEU F 58 28.38 -10.48 29.25
CA LEU F 58 27.48 -9.51 29.88
C LEU F 58 28.13 -8.79 31.06
N TRP F 59 29.08 -9.42 31.74
CA TRP F 59 29.67 -8.81 32.92
C TRP F 59 31.19 -8.83 32.91
N ARG F 60 31.78 -9.78 32.21
CA ARG F 60 33.24 -9.91 32.14
C ARG F 60 33.67 -10.06 30.69
N VAL F 61 34.87 -9.57 30.37
CA VAL F 61 35.42 -9.65 29.02
C VAL F 61 36.73 -10.43 29.11
N CYS F 62 37.00 -11.26 28.10
CA CYS F 62 38.24 -12.01 28.06
C CYS F 62 38.93 -11.81 26.72
N PHE F 63 40.25 -11.65 26.77
CA PHE F 63 41.07 -11.45 25.59
C PHE F 63 41.67 -12.78 25.18
N PHE F 64 41.38 -13.23 23.96
CA PHE F 64 42.00 -14.43 23.42
C PHE F 64 43.05 -14.12 22.36
N ALA F 65 43.37 -12.84 22.15
CA ALA F 65 44.49 -12.47 21.30
C ALA F 65 44.97 -11.09 21.74
N GLY F 66 46.17 -10.74 21.31
CA GLY F 66 46.74 -9.44 21.62
C GLY F 66 47.85 -9.52 22.65
N ARG F 67 48.30 -8.33 23.07
CA ARG F 67 49.40 -8.24 24.01
C ARG F 67 49.01 -8.82 25.37
N GLU F 68 47.77 -8.59 25.81
CA GLU F 68 47.30 -9.06 27.11
C GLU F 68 46.46 -10.32 26.98
N LYS F 69 46.83 -11.21 26.06
CA LYS F 69 46.07 -12.44 25.85
C LYS F 69 46.08 -13.31 27.10
N GLY F 70 44.93 -13.92 27.38
CA GLY F 70 44.78 -14.80 28.51
C GLY F 70 44.28 -14.14 29.79
N ARG F 71 44.12 -12.82 29.79
CA ARG F 71 43.65 -12.09 30.96
C ARG F 71 42.19 -11.71 30.77
N CYS F 72 41.35 -12.08 31.73
CA CYS F 72 39.94 -11.69 31.74
C CYS F 72 39.79 -10.47 32.65
N VAL F 73 39.27 -9.39 32.08
CA VAL F 73 39.09 -8.12 32.77
C VAL F 73 37.60 -7.93 33.04
N ALA F 74 37.27 -7.54 34.27
CA ALA F 74 35.91 -7.10 34.57
C ALA F 74 35.66 -5.74 33.95
N SER F 75 34.40 -5.48 33.61
CA SER F 75 34.02 -4.24 32.97
C SER F 75 34.42 -3.04 33.83
N GLU F 76 35.35 -2.25 33.31
CA GLU F 76 35.87 -1.10 34.04
C GLU F 76 35.30 0.21 33.49
N LEU F 85 44.80 0.11 26.84
CA LEU F 85 44.79 -1.26 26.33
C LEU F 85 43.71 -1.44 25.27
N VAL F 86 43.01 -0.35 24.95
CA VAL F 86 41.89 -0.40 24.02
C VAL F 86 41.61 1.02 23.54
N THR F 87 41.16 1.14 22.30
CA THR F 87 40.73 2.43 21.78
C THR F 87 39.44 2.86 22.48
N GLU F 88 39.17 4.17 22.43
CA GLU F 88 38.04 4.72 23.16
C GLU F 88 36.70 4.20 22.66
N ASN F 89 36.59 3.89 21.36
CA ASN F 89 35.31 3.48 20.81
C ASN F 89 34.85 2.14 21.39
N THR F 90 35.76 1.15 21.40
CA THR F 90 35.41 -0.15 21.97
C THR F 90 35.13 -0.05 23.47
N GLU F 91 35.81 0.85 24.15
CA GLU F 91 35.56 1.03 25.58
C GLU F 91 34.19 1.67 25.81
N ASN F 92 33.78 2.57 24.92
CA ASN F 92 32.42 3.09 24.98
C ASN F 92 31.40 2.01 24.70
N ILE F 93 31.72 1.08 23.79
CA ILE F 93 30.85 -0.08 23.57
C ILE F 93 30.72 -0.89 24.85
N LEU F 94 31.83 -1.10 25.54
CA LEU F 94 31.82 -1.82 26.81
C LEU F 94 30.95 -1.12 27.83
N LYS F 95 31.00 0.22 27.87
CA LYS F 95 30.08 0.95 28.73
C LYS F 95 28.63 0.73 28.31
N THR F 96 28.34 0.84 27.01
CA THR F 96 26.95 0.83 26.56
C THR F 96 26.28 -0.52 26.75
N VAL F 97 27.06 -1.61 26.84
CA VAL F 97 26.46 -2.90 27.17
C VAL F 97 25.86 -2.86 28.58
N ARG F 98 26.51 -2.16 29.51
CA ARG F 98 26.03 -2.06 30.88
C ARG F 98 24.66 -1.39 30.97
N THR F 99 24.31 -0.55 29.99
CA THR F 99 22.99 0.07 30.02
C THR F 99 21.88 -0.94 29.73
N ALA F 100 22.13 -1.91 28.87
CA ALA F 100 21.16 -2.94 28.55
C ALA F 100 21.27 -4.17 29.44
N THR F 101 22.25 -4.19 30.35
CA THR F 101 22.36 -5.30 31.30
C THR F 101 21.07 -5.65 32.06
N PRO F 102 20.29 -4.70 32.61
CA PRO F 102 19.20 -5.12 33.52
C PRO F 102 18.13 -6.02 32.91
N PHE F 103 17.80 -5.85 31.63
CA PHE F 103 16.66 -6.56 31.05
C PHE F 103 16.84 -8.08 31.02
N PRO F 104 17.99 -8.64 30.64
CA PRO F 104 18.14 -10.10 30.77
C PRO F 104 17.92 -10.62 32.19
N MET F 105 18.39 -9.90 33.20
CA MET F 105 18.13 -10.31 34.58
C MET F 105 16.64 -10.26 34.90
N VAL F 106 15.96 -9.21 34.44
CA VAL F 106 14.52 -9.10 34.69
C VAL F 106 13.79 -10.27 34.03
N SER F 107 14.13 -10.60 32.79
CA SER F 107 13.48 -11.70 32.10
C SER F 107 13.79 -13.04 32.75
N LEU F 108 15.03 -13.22 33.23
CA LEU F 108 15.37 -14.44 33.94
C LEU F 108 14.54 -14.60 35.21
N PHE F 109 14.39 -13.52 35.98
CA PHE F 109 13.57 -13.60 37.18
C PHE F 109 12.12 -13.91 36.85
N LEU F 110 11.58 -13.25 35.81
CA LEU F 110 10.20 -13.50 35.42
C LEU F 110 9.99 -14.94 34.98
N VAL F 111 10.90 -15.49 34.18
CA VAL F 111 10.73 -16.85 33.71
C VAL F 111 10.94 -17.86 34.83
N PHE F 112 11.82 -17.56 35.79
CA PHE F 112 11.97 -18.45 36.95
C PHE F 112 10.71 -18.47 37.79
N THR F 113 10.10 -17.30 38.01
CA THR F 113 8.84 -17.26 38.75
C THR F 113 7.74 -18.01 37.99
N ALA F 114 7.69 -17.84 36.67
CA ALA F 114 6.72 -18.59 35.87
C ALA F 114 6.94 -20.09 35.97
N PHE F 115 8.20 -20.52 35.93
CA PHE F 115 8.51 -21.94 36.04
C PHE F 115 8.06 -22.51 37.38
N VAL F 116 8.40 -21.83 38.48
CA VAL F 116 8.05 -22.37 39.79
C VAL F 116 6.53 -22.36 39.98
N ILE F 117 5.85 -21.30 39.51
CA ILE F 117 4.41 -21.24 39.69
C ILE F 117 3.71 -22.29 38.82
N SER F 118 4.23 -22.56 37.63
CA SER F 118 3.63 -23.59 36.78
C SER F 118 3.84 -24.98 37.36
N ASN F 119 5.04 -25.24 37.90
CA ASN F 119 5.28 -26.54 38.53
C ASN F 119 4.39 -26.73 39.75
N ILE F 120 4.21 -25.68 40.54
CA ILE F 120 3.28 -25.75 41.67
C ILE F 120 1.86 -25.97 41.19
N GLY F 121 1.51 -25.42 40.01
CA GLY F 121 0.19 -25.67 39.45
C GLY F 121 0.00 -27.12 39.04
N HIS F 122 1.01 -27.71 38.37
CA HIS F 122 0.89 -29.11 37.96
C HIS F 122 0.84 -30.04 39.17
N ILE F 123 1.66 -29.78 40.19
CA ILE F 123 1.67 -30.66 41.35
C ILE F 123 0.38 -30.55 42.15
N ARG F 124 -0.41 -29.51 41.94
CA ARG F 124 -1.70 -29.32 42.61
C ARG F 124 -2.77 -29.06 41.56
N PRO F 125 -3.27 -30.11 40.91
CA PRO F 125 -4.30 -29.91 39.87
C PRO F 125 -5.60 -29.30 40.38
N GLN F 126 -5.87 -29.38 41.69
CA GLN F 126 -7.11 -28.83 42.23
C GLN F 126 -7.16 -27.31 42.05
N ARG F 127 -6.02 -26.64 42.10
CA ARG F 127 -5.93 -25.19 41.95
C ARG F 127 -5.62 -24.87 40.49
N THR F 128 -6.54 -24.17 39.83
CA THR F 128 -6.47 -23.99 38.38
C THR F 128 -5.97 -22.62 37.95
N ILE F 129 -5.99 -21.62 38.84
CA ILE F 129 -5.59 -20.26 38.46
C ILE F 129 -4.10 -20.13 38.23
N LEU F 130 -3.30 -21.14 38.61
CA LEU F 130 -1.86 -21.04 38.48
C LEU F 130 -1.41 -21.01 37.02
N ALA F 131 -2.11 -21.74 36.15
CA ALA F 131 -1.71 -21.79 34.74
C ALA F 131 -1.81 -20.43 34.08
N PHE F 132 -2.86 -19.67 34.39
CA PHE F 132 -3.04 -18.36 33.77
C PHE F 132 -1.92 -17.41 34.16
N VAL F 133 -1.59 -17.35 35.45
CA VAL F 133 -0.52 -16.46 35.88
C VAL F 133 0.83 -16.93 35.36
N SER F 134 1.02 -18.25 35.23
CA SER F 134 2.23 -18.76 34.60
C SER F 134 2.35 -18.29 33.16
N GLY F 135 1.25 -18.35 32.41
CA GLY F 135 1.28 -17.87 31.03
C GLY F 135 1.54 -16.38 30.95
N ILE F 136 0.91 -15.60 31.82
CA ILE F 136 1.13 -14.15 31.83
C ILE F 136 2.60 -13.84 32.11
N PHE F 137 3.18 -14.52 33.11
CA PHE F 137 4.57 -14.30 33.46
C PHE F 137 5.50 -14.69 32.31
N PHE F 138 5.22 -15.83 31.66
CA PHE F 138 6.03 -16.25 30.52
C PHE F 138 5.98 -15.23 29.40
N ILE F 139 4.78 -14.70 29.10
CA ILE F 139 4.66 -13.75 27.99
C ILE F 139 5.36 -12.44 28.32
N LEU F 140 5.21 -11.97 29.57
CA LEU F 140 5.92 -10.77 29.98
C LEU F 140 7.44 -10.97 29.93
N SER F 141 7.91 -12.16 30.32
CA SER F 141 9.33 -12.45 30.23
C SER F 141 9.82 -12.44 28.79
N GLY F 142 9.02 -12.99 27.88
CA GLY F 142 9.39 -12.94 26.46
C GLY F 142 9.46 -11.52 25.93
N LEU F 143 8.48 -10.69 26.28
CA LEU F 143 8.51 -9.31 25.84
C LEU F 143 9.72 -8.57 26.43
N SER F 144 10.03 -8.82 27.69
CA SER F 144 11.19 -8.20 28.32
C SER F 144 12.49 -8.65 27.64
N LEU F 145 12.59 -9.93 27.28
CA LEU F 145 13.76 -10.41 26.58
C LEU F 145 13.90 -9.75 25.21
N VAL F 146 12.79 -9.58 24.50
CA VAL F 146 12.82 -8.89 23.22
C VAL F 146 13.30 -7.46 23.40
N VAL F 147 12.80 -6.78 24.43
CA VAL F 147 13.23 -5.40 24.70
C VAL F 147 14.73 -5.36 24.99
N GLY F 148 15.21 -6.31 25.81
CA GLY F 148 16.63 -6.33 26.13
C GLY F 148 17.50 -6.56 24.91
N LEU F 149 17.12 -7.51 24.06
CA LEU F 149 17.90 -7.77 22.84
C LEU F 149 17.89 -6.56 21.91
N VAL F 150 16.72 -5.93 21.74
CA VAL F 150 16.64 -4.76 20.88
C VAL F 150 17.51 -3.63 21.40
N LEU F 151 17.44 -3.37 22.72
CA LEU F 151 18.24 -2.31 23.31
C LEU F 151 19.73 -2.61 23.19
N TYR F 152 20.12 -3.87 23.40
CA TYR F 152 21.53 -4.25 23.30
C TYR F 152 22.05 -4.02 21.89
N ILE F 153 21.32 -4.52 20.88
CA ILE F 153 21.76 -4.36 19.50
C ILE F 153 21.78 -2.90 19.11
N SER F 154 20.77 -2.14 19.55
CA SER F 154 20.72 -0.71 19.22
C SER F 154 21.90 0.02 19.82
N SER F 155 22.24 -0.27 21.07
CA SER F 155 23.40 0.37 21.69
C SER F 155 24.68 0.02 20.96
N ILE F 156 24.86 -1.25 20.60
CA ILE F 156 26.08 -1.67 19.91
C ILE F 156 26.20 -0.95 18.57
N ASN F 157 25.10 -0.95 17.79
CA ASN F 157 25.12 -0.31 16.48
C ASN F 157 25.33 1.20 16.58
N ASP F 158 24.66 1.84 17.54
CA ASP F 158 24.83 3.28 17.72
C ASP F 158 26.26 3.62 18.12
N GLU F 159 26.89 2.77 18.93
CA GLU F 159 28.28 3.03 19.32
C GLU F 159 29.24 2.83 18.14
N VAL F 160 29.03 1.79 17.33
CA VAL F 160 29.99 1.57 16.25
C VAL F 160 29.79 2.60 15.13
N MET F 161 28.57 3.13 14.99
CA MET F 161 28.32 4.11 13.93
C MET F 161 29.15 5.38 14.12
N ASN F 162 29.62 5.65 15.33
CA ASN F 162 30.41 6.83 15.63
C ASN F 162 31.92 6.56 15.53
N ARG F 163 32.32 5.33 15.19
CA ARG F 163 33.73 4.99 15.16
C ARG F 163 34.47 5.84 14.14
N PRO F 164 35.71 6.28 14.44
CA PRO F 164 36.51 7.12 13.55
C PRO F 164 37.27 6.30 12.51
N GLN F 169 43.46 0.35 9.78
CA GLN F 169 42.68 -0.11 10.92
C GLN F 169 41.37 -0.76 10.47
N TYR F 170 41.12 -1.98 10.93
CA TYR F 170 39.89 -2.70 10.63
C TYR F 170 39.22 -3.12 11.92
N PHE F 171 37.89 -2.99 11.96
CA PHE F 171 37.09 -3.34 13.13
C PHE F 171 36.00 -4.30 12.68
N HIS F 172 36.00 -5.51 13.25
CA HIS F 172 35.01 -6.52 12.93
C HIS F 172 34.46 -7.12 14.22
N TYR F 173 33.13 -7.19 14.30
CA TYR F 173 32.42 -7.77 15.44
C TYR F 173 31.42 -8.81 14.95
N ARG F 174 31.24 -9.85 15.75
CA ARG F 174 30.39 -10.98 15.39
C ARG F 174 29.72 -11.52 16.64
N TYR F 175 28.42 -11.76 16.56
CA TYR F 175 27.68 -12.27 17.70
C TYR F 175 28.03 -13.73 17.97
N GLY F 176 27.87 -14.13 19.23
CA GLY F 176 28.21 -15.48 19.67
C GLY F 176 26.99 -16.36 19.86
N TRP F 177 27.24 -17.51 20.50
CA TRP F 177 26.20 -18.50 20.70
C TRP F 177 25.28 -18.19 21.88
N SER F 178 25.73 -17.36 22.83
CA SER F 178 24.85 -16.93 23.91
C SER F 178 23.69 -16.10 23.37
N PHE F 179 23.95 -15.25 22.38
CA PHE F 179 22.89 -14.47 21.75
C PHE F 179 21.87 -15.39 21.07
N ALA F 180 22.34 -16.44 20.40
CA ALA F 180 21.44 -17.40 19.79
C ALA F 180 20.63 -18.13 20.85
N PHE F 181 21.25 -18.44 22.00
CA PHE F 181 20.52 -19.04 23.11
C PHE F 181 19.39 -18.13 23.57
N ALA F 182 19.68 -16.83 23.72
CA ALA F 182 18.63 -15.89 24.12
C ALA F 182 17.51 -15.82 23.07
N ALA F 183 17.89 -15.78 21.79
CA ALA F 183 16.89 -15.70 20.73
C ALA F 183 15.98 -16.92 20.73
N SER F 184 16.55 -18.11 20.90
CA SER F 184 15.73 -19.32 20.95
C SER F 184 14.90 -19.38 22.23
N SER F 185 15.45 -18.87 23.34
CA SER F 185 14.72 -18.89 24.60
C SER F 185 13.50 -17.98 24.56
N PHE F 186 13.56 -16.89 23.81
CA PHE F 186 12.36 -16.06 23.64
C PHE F 186 11.23 -16.88 23.02
N LEU F 187 11.52 -17.59 21.93
CA LEU F 187 10.51 -18.41 21.27
C LEU F 187 10.00 -19.51 22.21
N LEU F 188 10.92 -20.11 22.97
CA LEU F 188 10.51 -21.14 23.92
C LEU F 188 9.58 -20.57 24.99
N LYS F 189 9.88 -19.38 25.49
CA LYS F 189 9.01 -18.74 26.48
C LYS F 189 7.63 -18.48 25.90
N GLU F 190 7.56 -17.99 24.66
CA GLU F 190 6.26 -17.64 24.11
C GLU F 190 5.44 -18.89 23.80
N GLY F 191 6.09 -19.94 23.32
CA GLY F 191 5.40 -21.21 23.17
C GLY F 191 4.88 -21.74 24.50
N ALA F 192 5.70 -21.65 25.55
CA ALA F 192 5.25 -22.08 26.87
C ALA F 192 4.07 -21.25 27.35
N GLY F 193 4.08 -19.95 27.07
CA GLY F 193 2.96 -19.11 27.46
C GLY F 193 1.68 -19.47 26.75
N VAL F 194 1.75 -19.73 25.44
CA VAL F 194 0.55 -20.14 24.70
C VAL F 194 0.05 -21.47 25.24
N MET F 195 0.95 -22.42 25.49
CA MET F 195 0.53 -23.71 26.04
C MET F 195 -0.10 -23.55 27.42
N SER F 196 0.44 -22.65 28.24
CA SER F 196 -0.12 -22.42 29.57
C SER F 196 -1.51 -21.80 29.48
N VAL F 197 -1.71 -20.87 28.55
CA VAL F 197 -3.04 -20.27 28.38
C VAL F 197 -4.04 -21.34 27.95
N TYR F 198 -3.66 -22.19 27.00
CA TYR F 198 -4.57 -23.25 26.57
C TYR F 198 -4.82 -24.25 27.70
N LEU F 199 -3.80 -24.54 28.51
CA LEU F 199 -3.98 -25.43 29.66
C LEU F 199 -4.96 -24.83 30.66
N PHE F 200 -4.86 -23.53 30.92
CA PHE F 200 -5.80 -22.88 31.82
C PHE F 200 -7.22 -22.92 31.26
N THR F 201 -7.36 -22.69 29.96
CA THR F 201 -8.69 -22.76 29.34
C THR F 201 -9.28 -24.15 29.48
N LYS F 202 -8.48 -25.18 29.21
CA LYS F 202 -8.97 -26.56 29.33
C LYS F 202 -9.29 -26.89 30.78
N ARG F 203 -8.48 -26.41 31.72
CA ARG F 203 -8.73 -26.68 33.14
C ARG F 203 -10.04 -26.04 33.59
N TYR F 204 -10.29 -24.80 33.18
CA TYR F 204 -11.56 -24.17 33.51
C TYR F 204 -12.72 -24.89 32.85
N ALA F 205 -12.54 -25.34 31.61
CA ALA F 205 -13.58 -26.14 30.96
C ALA F 205 -13.77 -27.50 31.63
N GLU F 206 -12.80 -27.94 32.42
CA GLU F 206 -12.89 -29.22 33.11
C GLU F 206 -13.10 -29.02 34.61
#